data_1KKQ
#
_entry.id   1KKQ
#
_cell.length_a   103.409
_cell.length_b   112.773
_cell.length_c   123.954
_cell.angle_alpha   90.00
_cell.angle_beta   90.00
_cell.angle_gamma   90.00
#
_symmetry.space_group_name_H-M   'P 21 21 21'
#
loop_
_entity.id
_entity.type
_entity.pdbx_description
1 polymer 'PEROXISOME PROLIFERATOR ACTIVATED RECEPTOR'
2 polymer 'NUCLEAR RECEPTOR CO-REPRESSOR 2'
3 non-polymer 'N-((2S)-2-({(1Z)-1-METHYL-3-OXO-3-[4-(TRIFLUOROMETHYL) PHENYL]PROP-1-ENYL}AMINO)-3-{4-[2-(5-METHYL-2-PHENYL-1,3-OXAZOL-4-YL)ETHOXY]PHENYL}PROPYL)PROPANAMIDE'
4 water water
#
loop_
_entity_poly.entity_id
_entity_poly.type
_entity_poly.pdbx_seq_one_letter_code
_entity_poly.pdbx_strand_id
1 'polypeptide(L)'
;TADLKSLAKRIYEAYLKNFNMNKVKARVILSGKASNNPPFVIHDMETLCMAEKTLVAKLVANGIQNKEAEVRIFHCCQCT
SVETVTELTEFAKAIPGFANLDLNDQVTLLKYGVYEAIFAMLSSVMNKDGMLVAYGNGFITREFLKSLRKPFCDIMEPKF
DFAMKFNALELDDSDISLFVAAIICCGDRPGLLNVGHIEKMQEGIVHVLRLHLQSNHPDDIFLFPKLLQKMADLRQLVTE
HAQLVQIIKKTESDAALHPLLQEIYRDMY
;
A,B,C,D
2 'polypeptide(L)' NMGLEAIIRKALMGKYDQW E,F,G,H
#
# COMPACT_ATOMS: atom_id res chain seq x y z
N THR A 1 -11.76 47.08 0.14
CA THR A 1 -12.34 48.23 0.89
C THR A 1 -13.65 48.69 0.24
N ALA A 2 -14.64 47.81 0.24
CA ALA A 2 -15.95 48.10 -0.36
C ALA A 2 -16.90 46.99 0.05
N ASP A 3 -16.53 45.77 -0.33
CA ASP A 3 -17.29 44.57 -0.04
C ASP A 3 -16.77 43.97 1.26
N LEU A 4 -15.57 44.39 1.64
CA LEU A 4 -14.96 43.91 2.86
C LEU A 4 -15.36 44.87 3.96
N LYS A 5 -16.14 45.88 3.59
CA LYS A 5 -16.58 46.88 4.56
C LYS A 5 -17.97 46.57 5.08
N SER A 6 -18.88 46.22 4.19
CA SER A 6 -20.22 45.86 4.60
C SER A 6 -20.14 44.44 5.13
N LEU A 7 -18.92 43.89 5.15
CA LEU A 7 -18.67 42.55 5.63
C LEU A 7 -18.94 42.40 7.12
N ALA A 8 -18.57 43.42 7.88
CA ALA A 8 -18.76 43.41 9.33
C ALA A 8 -20.22 43.53 9.66
N LYS A 9 -20.90 44.37 8.89
CA LYS A 9 -22.33 44.60 9.08
C LYS A 9 -23.03 43.27 8.85
N ARG A 10 -22.90 42.76 7.63
CA ARG A 10 -23.50 41.50 7.25
C ARG A 10 -23.30 40.35 8.22
N ILE A 11 -22.30 40.50 9.09
CA ILE A 11 -21.99 39.48 10.09
C ILE A 11 -22.64 39.82 11.43
N TYR A 12 -23.06 41.08 11.57
CA TYR A 12 -23.71 41.54 12.78
C TYR A 12 -25.19 41.25 12.66
N GLU A 13 -25.69 41.26 11.43
CA GLU A 13 -27.08 40.98 11.20
C GLU A 13 -27.26 39.49 11.27
N ALA A 14 -26.28 38.75 10.76
CA ALA A 14 -26.34 37.29 10.80
C ALA A 14 -26.55 36.91 12.26
N TYR A 15 -25.88 37.65 13.14
CA TYR A 15 -25.95 37.43 14.59
C TYR A 15 -27.26 37.98 15.15
N LEU A 16 -27.61 39.19 14.77
CA LEU A 16 -28.86 39.80 15.25
C LEU A 16 -30.06 39.19 14.52
N LYS A 17 -29.98 37.94 14.12
CA LYS A 17 -31.08 37.33 13.39
C LYS A 17 -31.08 35.82 13.58
N ASN A 18 -30.02 35.31 14.19
CA ASN A 18 -29.89 33.88 14.42
C ASN A 18 -29.66 33.48 15.88
N PHE A 19 -29.56 34.46 16.77
CA PHE A 19 -29.35 34.15 18.17
C PHE A 19 -30.47 34.69 19.03
N ASN A 20 -31.32 33.77 19.46
CA ASN A 20 -32.47 34.08 20.29
C ASN A 20 -32.10 34.89 21.52
N MET A 21 -30.88 34.73 22.00
CA MET A 21 -30.48 35.46 23.18
C MET A 21 -29.11 36.07 22.99
N ASN A 22 -29.07 37.40 23.00
CA ASN A 22 -27.80 38.12 22.87
C ASN A 22 -27.48 38.81 24.18
N LYS A 23 -26.43 39.62 24.19
CA LYS A 23 -25.97 40.28 25.40
C LYS A 23 -26.85 41.40 25.94
N VAL A 24 -27.54 42.11 25.06
CA VAL A 24 -28.39 43.20 25.53
C VAL A 24 -29.63 42.66 26.23
N LYS A 25 -30.38 41.79 25.56
CA LYS A 25 -31.55 41.20 26.17
C LYS A 25 -31.03 40.54 27.45
N ALA A 26 -30.02 39.69 27.29
CA ALA A 26 -29.42 38.99 28.40
C ALA A 26 -29.04 39.93 29.54
N ARG A 27 -28.40 41.04 29.22
CA ARG A 27 -28.00 41.99 30.25
C ARG A 27 -29.16 42.68 30.94
N VAL A 28 -30.33 42.73 30.31
CA VAL A 28 -31.47 43.39 30.92
C VAL A 28 -32.25 42.46 31.82
N ILE A 29 -32.19 41.17 31.55
CA ILE A 29 -32.91 40.24 32.40
C ILE A 29 -32.13 40.23 33.71
N LEU A 30 -30.83 39.98 33.63
CA LEU A 30 -29.96 39.95 34.81
C LEU A 30 -30.05 41.27 35.57
N SER A 31 -29.28 42.26 35.12
CA SER A 31 -29.25 43.59 35.75
C SER A 31 -30.57 44.31 35.63
N GLY A 32 -31.39 43.83 34.72
CA GLY A 32 -32.62 44.51 34.47
C GLY A 32 -33.77 44.64 35.43
N LYS A 33 -34.77 45.23 34.80
CA LYS A 33 -36.04 45.56 35.38
C LYS A 33 -36.95 45.78 34.17
N ALA A 34 -38.13 46.34 34.44
CA ALA A 34 -39.15 46.55 33.42
C ALA A 34 -39.62 45.11 33.19
N SER A 35 -40.03 44.49 34.29
CA SER A 35 -40.50 43.13 34.28
C SER A 35 -40.41 42.76 35.74
N ASN A 36 -41.54 42.48 36.38
CA ASN A 36 -41.47 42.11 37.78
C ASN A 36 -41.86 40.69 38.00
N ASN A 37 -41.21 39.85 37.23
CA ASN A 37 -41.49 38.47 37.24
C ASN A 37 -40.20 38.08 36.60
N PRO A 38 -39.12 38.15 37.38
CA PRO A 38 -37.82 37.79 36.84
C PRO A 38 -37.63 36.31 36.73
N PRO A 39 -36.48 35.91 36.22
CA PRO A 39 -36.12 34.51 36.05
C PRO A 39 -36.48 33.76 37.31
N PHE A 40 -36.64 32.46 37.16
CA PHE A 40 -36.97 31.61 38.29
C PHE A 40 -35.61 31.14 38.78
N VAL A 41 -35.31 31.37 40.05
CA VAL A 41 -34.01 30.97 40.58
C VAL A 41 -33.93 29.50 40.96
N ILE A 42 -32.89 28.84 40.44
CA ILE A 42 -32.64 27.45 40.74
C ILE A 42 -31.45 27.47 41.69
N HIS A 43 -31.70 27.50 43.00
CA HIS A 43 -30.62 27.55 43.96
C HIS A 43 -30.35 26.29 44.78
N ASP A 44 -31.10 25.22 44.52
CA ASP A 44 -30.86 23.97 45.23
C ASP A 44 -31.50 22.78 44.52
N MET A 45 -31.50 21.63 45.19
CA MET A 45 -32.07 20.43 44.61
C MET A 45 -33.57 20.43 44.42
N GLU A 46 -34.30 21.13 45.31
CA GLU A 46 -35.75 21.17 45.22
C GLU A 46 -36.19 21.99 44.02
N THR A 47 -35.67 23.21 43.92
CA THR A 47 -36.01 24.10 42.81
C THR A 47 -35.47 23.53 41.51
N LEU A 48 -34.33 22.84 41.56
CA LEU A 48 -33.78 22.24 40.36
C LEU A 48 -34.69 21.13 39.90
N CYS A 49 -35.52 20.61 40.80
CA CYS A 49 -36.42 19.55 40.41
C CYS A 49 -37.66 20.09 39.75
N MET A 50 -38.13 21.23 40.21
CA MET A 50 -39.29 21.85 39.59
C MET A 50 -38.80 22.14 38.19
N ALA A 51 -37.81 23.01 38.09
CA ALA A 51 -37.22 23.41 36.83
C ALA A 51 -37.10 22.27 35.82
N GLU A 52 -36.16 21.36 36.07
CA GLU A 52 -35.92 20.23 35.19
C GLU A 52 -37.15 19.37 34.91
N LYS A 53 -38.10 19.38 35.85
CA LYS A 53 -39.34 18.60 35.72
C LYS A 53 -40.28 19.14 34.65
N THR A 54 -40.61 20.43 34.72
CA THR A 54 -41.51 21.04 33.75
C THR A 54 -40.83 21.06 32.41
N LEU A 55 -39.51 21.17 32.45
CA LEU A 55 -38.72 21.25 31.24
C LEU A 55 -38.87 20.09 30.26
N VAL A 56 -38.80 18.85 30.75
CA VAL A 56 -38.93 17.74 29.83
C VAL A 56 -40.38 17.35 29.58
N ALA A 57 -41.29 18.08 30.24
CA ALA A 57 -42.75 17.92 30.13
C ALA A 57 -43.31 16.51 29.95
N LYS A 58 -42.54 15.52 30.39
CA LYS A 58 -42.90 14.11 30.33
C LYS A 58 -42.52 13.57 31.71
N LEU A 59 -42.44 14.49 32.67
CA LEU A 59 -42.02 14.10 34.02
C LEU A 59 -42.89 14.56 35.22
N VAL A 60 -44.20 14.33 35.13
CA VAL A 60 -45.14 14.65 36.21
C VAL A 60 -46.21 13.55 36.17
N ALA A 61 -45.76 12.37 35.74
CA ALA A 61 -46.57 11.18 35.63
C ALA A 61 -45.58 10.02 35.46
N ASN A 62 -44.51 10.29 34.71
CA ASN A 62 -43.46 9.32 34.39
C ASN A 62 -42.54 8.76 35.49
N GLY A 63 -41.75 9.61 36.13
CA GLY A 63 -40.85 9.13 37.16
C GLY A 63 -39.53 9.86 37.28
N ILE A 64 -39.15 10.59 36.24
CA ILE A 64 -37.90 11.35 36.26
C ILE A 64 -38.10 12.55 37.19
N GLN A 65 -37.92 12.30 38.49
CA GLN A 65 -38.09 13.33 39.52
C GLN A 65 -37.17 13.17 40.73
N ASN A 66 -36.16 12.30 40.68
CA ASN A 66 -35.30 12.16 41.85
C ASN A 66 -34.00 11.34 41.73
N LYS A 67 -33.58 11.06 40.49
CA LYS A 67 -32.33 10.33 40.28
C LYS A 67 -31.24 11.30 40.69
N GLU A 68 -30.01 10.82 40.85
CA GLU A 68 -28.94 11.73 41.21
C GLU A 68 -29.24 12.98 40.40
N ALA A 69 -29.08 14.14 41.00
CA ALA A 69 -29.40 15.35 40.27
C ALA A 69 -28.24 15.78 39.43
N GLU A 70 -27.05 15.56 39.96
CA GLU A 70 -25.84 15.90 39.27
C GLU A 70 -25.97 15.47 37.80
N VAL A 71 -26.73 14.41 37.54
CA VAL A 71 -26.92 13.88 36.19
C VAL A 71 -28.20 14.35 35.48
N ARG A 72 -29.06 15.07 36.19
CA ARG A 72 -30.30 15.59 35.64
C ARG A 72 -29.98 16.86 34.85
N ILE A 73 -29.07 17.65 35.43
CA ILE A 73 -28.62 18.90 34.86
C ILE A 73 -27.86 18.65 33.57
N PHE A 74 -27.31 17.45 33.47
CA PHE A 74 -26.55 16.98 32.32
C PHE A 74 -27.55 16.60 31.23
N HIS A 75 -28.84 16.82 31.49
CA HIS A 75 -29.84 16.51 30.47
C HIS A 75 -30.38 17.77 29.82
N CYS A 76 -30.85 18.70 30.65
CA CYS A 76 -31.38 19.96 30.15
C CYS A 76 -30.43 20.49 29.09
N CYS A 77 -29.20 20.76 29.52
CA CYS A 77 -28.15 21.29 28.65
C CYS A 77 -28.12 20.71 27.24
N GLN A 78 -28.77 19.56 27.05
CA GLN A 78 -28.83 18.92 25.73
C GLN A 78 -30.11 19.37 25.06
N CYS A 79 -31.17 19.45 25.85
CA CYS A 79 -32.46 19.92 25.38
C CYS A 79 -32.27 21.43 25.27
N THR A 80 -31.00 21.80 25.17
CA THR A 80 -30.56 23.18 25.07
C THR A 80 -29.29 23.22 24.19
N SER A 81 -28.92 22.08 23.63
CA SER A 81 -27.73 21.98 22.79
C SER A 81 -28.05 21.33 21.46
N VAL A 82 -29.11 21.82 20.82
CA VAL A 82 -29.54 21.35 19.52
C VAL A 82 -30.10 22.64 19.00
N GLU A 83 -30.65 23.38 19.95
CA GLU A 83 -31.17 24.69 19.71
C GLU A 83 -29.92 25.46 19.35
N THR A 84 -29.02 25.49 20.34
CA THR A 84 -27.73 26.17 20.28
C THR A 84 -26.85 25.85 19.09
N VAL A 85 -26.74 24.57 18.75
CA VAL A 85 -25.89 24.19 17.63
C VAL A 85 -26.47 24.58 16.28
N THR A 86 -27.79 24.67 16.17
CA THR A 86 -28.41 25.02 14.91
C THR A 86 -28.35 26.51 14.60
N GLU A 87 -28.41 27.34 15.62
CA GLU A 87 -28.36 28.78 15.40
C GLU A 87 -26.96 29.16 14.97
N LEU A 88 -25.96 28.42 15.44
CA LEU A 88 -24.57 28.68 15.09
C LEU A 88 -24.29 28.18 13.68
N THR A 89 -25.15 27.30 13.19
CA THR A 89 -25.00 26.74 11.84
C THR A 89 -25.68 27.65 10.84
N GLU A 90 -26.76 28.32 11.26
CA GLU A 90 -27.50 29.22 10.39
C GLU A 90 -26.70 30.51 10.31
N PHE A 91 -26.28 30.97 11.47
CA PHE A 91 -25.49 32.19 11.59
C PHE A 91 -24.21 32.05 10.77
N ALA A 92 -23.70 30.83 10.70
CA ALA A 92 -22.48 30.56 9.95
C ALA A 92 -22.74 30.55 8.44
N LYS A 93 -23.85 29.96 8.01
CA LYS A 93 -24.13 29.94 6.58
C LYS A 93 -24.79 31.25 6.17
N ALA A 94 -24.62 32.24 7.03
CA ALA A 94 -25.13 33.58 6.78
C ALA A 94 -23.89 34.46 6.73
N ILE A 95 -22.75 33.84 7.02
CA ILE A 95 -21.45 34.51 7.02
C ILE A 95 -20.95 34.55 5.59
N PRO A 96 -20.80 35.77 5.03
CA PRO A 96 -20.35 35.96 3.66
C PRO A 96 -19.32 34.92 3.20
N GLY A 97 -19.64 34.27 2.08
CA GLY A 97 -18.73 33.29 1.53
C GLY A 97 -18.72 31.94 2.20
N PHE A 98 -19.15 31.89 3.46
CA PHE A 98 -19.14 30.62 4.18
C PHE A 98 -19.97 29.56 3.46
N ALA A 99 -21.10 29.97 2.89
CA ALA A 99 -21.98 29.04 2.18
C ALA A 99 -21.29 28.42 0.96
N ASN A 100 -20.16 29.00 0.56
CA ASN A 100 -19.40 28.50 -0.58
C ASN A 100 -18.79 27.15 -0.28
N LEU A 101 -17.82 27.15 0.63
CA LEU A 101 -17.11 25.96 1.07
C LEU A 101 -17.92 24.69 0.81
N ASP A 102 -17.28 23.68 0.22
CA ASP A 102 -17.99 22.44 -0.05
C ASP A 102 -18.61 21.94 1.25
N LEU A 103 -19.91 21.67 1.21
CA LEU A 103 -20.64 21.18 2.39
C LEU A 103 -19.78 20.35 3.34
N ASN A 104 -19.20 19.27 2.82
CA ASN A 104 -18.35 18.38 3.62
C ASN A 104 -17.42 19.23 4.49
N ASP A 105 -16.92 20.31 3.91
CA ASP A 105 -16.01 21.24 4.57
C ASP A 105 -16.72 22.16 5.56
N GLN A 106 -17.98 22.47 5.27
CA GLN A 106 -18.77 23.33 6.15
C GLN A 106 -19.15 22.59 7.43
N VAL A 107 -18.98 21.27 7.42
CA VAL A 107 -19.29 20.46 8.58
C VAL A 107 -18.06 20.45 9.47
N THR A 108 -16.89 20.50 8.83
CA THR A 108 -15.62 20.49 9.54
C THR A 108 -15.35 21.80 10.26
N LEU A 109 -15.80 22.89 9.67
CA LEU A 109 -15.59 24.21 10.27
C LEU A 109 -16.48 24.46 11.46
N LEU A 110 -17.64 23.82 11.48
CA LEU A 110 -18.61 23.98 12.56
C LEU A 110 -18.54 22.89 13.63
N LYS A 111 -17.79 21.84 13.35
CA LYS A 111 -17.67 20.71 14.27
C LYS A 111 -16.66 20.94 15.39
N TYR A 112 -15.54 21.56 15.03
CA TYR A 112 -14.49 21.85 16.00
C TYR A 112 -14.69 23.26 16.55
N GLY A 113 -15.41 24.08 15.79
CA GLY A 113 -15.66 25.45 16.22
C GLY A 113 -16.87 25.66 17.10
N VAL A 114 -17.81 24.72 17.05
CA VAL A 114 -19.04 24.83 17.83
C VAL A 114 -18.87 25.14 19.32
N TYR A 115 -18.06 24.35 20.03
CA TYR A 115 -17.87 24.55 21.46
C TYR A 115 -17.19 25.82 21.91
N GLU A 116 -16.17 26.24 21.19
CA GLU A 116 -15.47 27.47 21.52
C GLU A 116 -16.49 28.60 21.44
N ALA A 117 -17.26 28.60 20.36
CA ALA A 117 -18.28 29.61 20.09
C ALA A 117 -19.31 29.71 21.21
N ILE A 118 -19.78 28.56 21.69
CA ILE A 118 -20.76 28.50 22.76
C ILE A 118 -20.31 29.17 24.05
N PHE A 119 -19.17 28.75 24.56
CA PHE A 119 -18.62 29.31 25.77
C PHE A 119 -18.34 30.79 25.63
N ALA A 120 -18.01 31.21 24.41
CA ALA A 120 -17.76 32.63 24.17
C ALA A 120 -19.03 33.41 24.48
N MET A 121 -20.13 32.99 23.86
CA MET A 121 -21.39 33.68 24.07
C MET A 121 -21.95 33.34 25.44
N LEU A 122 -21.66 32.13 25.89
CA LEU A 122 -22.12 31.69 27.19
C LEU A 122 -21.81 32.77 28.21
N SER A 123 -20.81 33.59 27.91
CA SER A 123 -20.36 34.67 28.77
C SER A 123 -21.34 35.84 28.78
N SER A 124 -22.11 36.00 27.73
CA SER A 124 -23.06 37.10 27.68
C SER A 124 -24.12 36.94 28.76
N VAL A 125 -24.61 35.70 28.93
CA VAL A 125 -25.64 35.36 29.91
C VAL A 125 -25.18 35.08 31.34
N MET A 126 -23.88 35.11 31.58
CA MET A 126 -23.37 34.87 32.93
C MET A 126 -23.05 36.15 33.66
N ASN A 127 -22.73 36.00 34.93
CA ASN A 127 -22.35 37.09 35.79
C ASN A 127 -21.78 36.39 37.01
N LYS A 128 -21.03 37.09 37.86
CA LYS A 128 -20.39 36.47 39.01
C LYS A 128 -21.22 35.68 40.01
N ASP A 129 -22.54 35.66 39.85
CA ASP A 129 -23.37 34.90 40.78
C ASP A 129 -24.17 33.76 40.18
N GLY A 130 -24.20 33.69 38.86
CA GLY A 130 -24.94 32.61 38.22
C GLY A 130 -25.27 32.93 36.78
N MET A 131 -25.58 31.92 35.99
CA MET A 131 -25.91 32.16 34.59
C MET A 131 -27.42 32.07 34.35
N LEU A 132 -27.85 32.45 33.15
CA LEU A 132 -29.26 32.39 32.79
C LEU A 132 -29.49 31.13 31.97
N VAL A 133 -30.58 30.45 32.25
CA VAL A 133 -30.91 29.23 31.54
C VAL A 133 -32.29 29.37 30.92
N ALA A 134 -32.59 28.50 29.97
CA ALA A 134 -33.88 28.50 29.30
C ALA A 134 -34.40 29.86 28.79
N TYR A 135 -33.67 30.41 27.82
CA TYR A 135 -34.04 31.65 27.16
C TYR A 135 -34.26 32.85 28.07
N GLY A 136 -33.63 32.82 29.24
CA GLY A 136 -33.74 33.93 30.18
C GLY A 136 -34.81 33.75 31.23
N ASN A 137 -35.54 32.63 31.12
CA ASN A 137 -36.62 32.32 32.03
C ASN A 137 -36.17 31.89 33.43
N GLY A 138 -35.08 31.14 33.49
CA GLY A 138 -34.59 30.69 34.77
C GLY A 138 -33.19 31.22 34.97
N PHE A 139 -32.74 31.19 36.22
CA PHE A 139 -31.40 31.65 36.57
C PHE A 139 -30.79 30.74 37.61
N ILE A 140 -29.84 29.91 37.18
CA ILE A 140 -29.17 28.98 38.07
C ILE A 140 -28.00 29.67 38.75
N THR A 141 -27.98 29.62 40.08
CA THR A 141 -26.92 30.28 40.85
C THR A 141 -25.56 29.59 40.69
N ARG A 142 -24.50 30.38 40.68
CA ARG A 142 -23.16 29.84 40.55
C ARG A 142 -22.86 28.87 41.68
N GLU A 143 -23.20 29.25 42.91
CA GLU A 143 -22.95 28.40 44.06
C GLU A 143 -23.51 26.99 43.91
N PHE A 144 -24.80 26.90 43.68
CA PHE A 144 -25.48 25.63 43.53
C PHE A 144 -24.76 24.58 42.69
N LEU A 145 -24.04 24.99 41.64
CA LEU A 145 -23.34 24.01 40.80
C LEU A 145 -22.05 23.51 41.46
N LYS A 146 -21.32 24.43 42.08
CA LYS A 146 -20.09 24.08 42.79
C LYS A 146 -20.60 23.75 44.19
N SER A 147 -21.11 22.53 44.33
CA SER A 147 -21.63 22.03 45.59
C SER A 147 -22.14 20.64 45.23
N LEU A 148 -22.34 20.43 43.93
CA LEU A 148 -22.80 19.13 43.46
C LEU A 148 -21.65 18.19 43.76
N ARG A 149 -21.97 16.91 43.97
CA ARG A 149 -20.95 15.92 44.26
C ARG A 149 -19.95 15.85 43.12
N LYS A 150 -18.66 15.77 43.46
CA LYS A 150 -17.64 15.70 42.43
C LYS A 150 -17.97 14.59 41.44
N PRO A 151 -17.43 14.68 40.21
CA PRO A 151 -16.52 15.72 39.70
C PRO A 151 -17.34 16.84 39.05
N PHE A 152 -18.64 16.79 39.24
CA PHE A 152 -19.56 17.76 38.67
C PHE A 152 -19.25 19.21 39.00
N CYS A 153 -19.21 19.51 40.29
CA CYS A 153 -18.95 20.86 40.76
C CYS A 153 -17.81 21.59 40.05
N ASP A 154 -17.04 20.90 39.21
CA ASP A 154 -15.96 21.54 38.47
C ASP A 154 -16.22 21.62 36.96
N ILE A 155 -17.46 21.48 36.51
CA ILE A 155 -17.67 21.58 35.07
C ILE A 155 -17.93 23.02 34.71
N MET A 156 -18.84 23.63 35.45
CA MET A 156 -19.23 25.01 35.19
C MET A 156 -18.36 26.07 35.83
N GLU A 157 -17.50 25.69 36.76
CA GLU A 157 -16.65 26.68 37.41
C GLU A 157 -15.54 27.23 36.53
N PRO A 158 -15.00 26.40 35.62
CA PRO A 158 -13.93 26.88 34.74
C PRO A 158 -14.48 27.92 33.76
N LYS A 159 -15.70 27.67 33.29
CA LYS A 159 -16.35 28.58 32.35
C LYS A 159 -16.73 29.91 32.98
N PHE A 160 -17.30 29.87 34.17
CA PHE A 160 -17.71 31.08 34.88
C PHE A 160 -16.54 32.03 35.09
N ASP A 161 -15.41 31.43 35.45
CA ASP A 161 -14.17 32.14 35.68
C ASP A 161 -13.72 32.84 34.40
N PHE A 162 -13.58 32.06 33.32
CA PHE A 162 -13.16 32.60 32.04
C PHE A 162 -14.08 33.74 31.59
N ALA A 163 -15.34 33.61 31.93
CA ALA A 163 -16.33 34.59 31.54
C ALA A 163 -16.29 35.85 32.35
N MET A 164 -15.80 35.77 33.59
CA MET A 164 -15.76 36.97 34.42
C MET A 164 -14.70 37.93 33.94
N LYS A 165 -13.64 37.37 33.36
CA LYS A 165 -12.55 38.18 32.86
C LYS A 165 -12.89 38.60 31.43
N PHE A 166 -13.49 37.69 30.68
CA PHE A 166 -13.84 37.98 29.29
C PHE A 166 -14.88 39.09 29.20
N ASN A 167 -15.72 39.19 30.23
CA ASN A 167 -16.78 40.21 30.28
C ASN A 167 -16.17 41.53 30.73
N ALA A 168 -14.96 41.45 31.27
CA ALA A 168 -14.26 42.63 31.74
C ALA A 168 -13.83 43.43 30.52
N LEU A 169 -13.52 42.72 29.43
CA LEU A 169 -13.11 43.37 28.17
C LEU A 169 -14.18 44.32 27.66
N GLU A 170 -15.42 44.08 28.06
CA GLU A 170 -16.54 44.93 27.68
C GLU A 170 -16.93 44.99 26.20
N LEU A 171 -17.06 43.82 25.58
CA LEU A 171 -17.46 43.82 24.18
C LEU A 171 -18.98 43.86 24.13
N ASP A 172 -19.51 43.97 22.92
CA ASP A 172 -20.93 43.99 22.72
C ASP A 172 -21.19 43.08 21.54
N ASP A 173 -22.45 42.92 21.20
CA ASP A 173 -22.81 42.03 20.12
C ASP A 173 -22.14 42.27 18.78
N SER A 174 -21.86 43.52 18.45
CA SER A 174 -21.18 43.79 17.20
C SER A 174 -19.79 43.20 17.27
N ASP A 175 -19.19 43.21 18.45
CA ASP A 175 -17.87 42.65 18.60
C ASP A 175 -17.94 41.14 18.65
N ILE A 176 -18.77 40.64 19.55
CA ILE A 176 -18.94 39.22 19.76
C ILE A 176 -19.25 38.47 18.48
N SER A 177 -20.04 39.09 17.62
CA SER A 177 -20.40 38.48 16.35
C SER A 177 -19.18 38.18 15.47
N LEU A 178 -18.32 39.19 15.30
CA LEU A 178 -17.11 39.01 14.50
C LEU A 178 -16.20 37.98 15.17
N PHE A 179 -16.01 38.15 16.48
CA PHE A 179 -15.19 37.26 17.27
C PHE A 179 -15.63 35.82 17.02
N VAL A 180 -16.93 35.60 17.16
CA VAL A 180 -17.51 34.28 16.96
C VAL A 180 -17.44 33.78 15.52
N ALA A 181 -17.32 34.70 14.56
CA ALA A 181 -17.23 34.28 13.17
C ALA A 181 -15.80 33.84 12.91
N ALA A 182 -14.88 34.54 13.56
CA ALA A 182 -13.45 34.28 13.43
C ALA A 182 -13.01 32.96 14.05
N ILE A 183 -13.82 32.41 14.95
CA ILE A 183 -13.45 31.15 15.58
C ILE A 183 -14.00 29.98 14.76
N ILE A 184 -15.05 30.24 14.00
CA ILE A 184 -15.65 29.22 13.15
C ILE A 184 -14.74 29.12 11.94
N CYS A 185 -14.51 30.28 11.31
CA CYS A 185 -13.66 30.41 10.13
C CYS A 185 -12.18 30.41 10.45
N CYS A 186 -11.66 29.29 10.90
CA CYS A 186 -10.24 29.20 11.19
C CYS A 186 -9.76 28.01 10.39
N GLY A 187 -8.79 28.25 9.51
CA GLY A 187 -8.26 27.20 8.66
C GLY A 187 -7.35 26.15 9.29
N ASP A 188 -7.33 26.05 10.61
CA ASP A 188 -6.50 25.05 11.28
C ASP A 188 -7.33 23.92 11.84
N ARG A 189 -8.36 23.51 11.10
CA ARG A 189 -9.20 22.41 11.54
C ARG A 189 -8.77 21.20 10.72
N PRO A 190 -8.66 20.03 11.37
CA PRO A 190 -8.26 18.76 10.76
C PRO A 190 -9.18 18.26 9.65
N GLY A 191 -8.61 17.98 8.48
CA GLY A 191 -9.39 17.46 7.38
C GLY A 191 -10.02 18.44 6.41
N LEU A 192 -9.57 19.68 6.44
CA LEU A 192 -10.12 20.69 5.55
C LEU A 192 -9.59 20.55 4.12
N LEU A 193 -10.49 20.38 3.16
CA LEU A 193 -10.07 20.23 1.77
C LEU A 193 -9.42 21.49 1.23
N ASN A 194 -10.19 22.56 1.08
CA ASN A 194 -9.65 23.83 0.58
C ASN A 194 -9.14 24.68 1.76
N VAL A 195 -8.10 24.18 2.42
CA VAL A 195 -7.50 24.82 3.57
C VAL A 195 -6.95 26.23 3.31
N GLY A 196 -7.27 26.80 2.14
CA GLY A 196 -6.78 28.13 1.81
C GLY A 196 -7.86 29.18 1.68
N HIS A 197 -9.02 28.76 1.20
CA HIS A 197 -10.15 29.65 1.01
C HIS A 197 -10.61 30.10 2.39
N ILE A 198 -10.48 29.19 3.35
CA ILE A 198 -10.89 29.45 4.71
C ILE A 198 -9.99 30.50 5.35
N GLU A 199 -8.72 30.55 4.95
CA GLU A 199 -7.82 31.55 5.50
C GLU A 199 -8.09 32.88 4.83
N LYS A 200 -8.13 32.88 3.50
CA LYS A 200 -8.40 34.09 2.73
C LYS A 200 -9.65 34.71 3.36
N MET A 201 -10.67 33.87 3.51
CA MET A 201 -11.95 34.26 4.08
C MET A 201 -11.72 34.82 5.47
N GLN A 202 -11.02 34.03 6.29
CA GLN A 202 -10.74 34.43 7.66
C GLN A 202 -9.98 35.73 7.81
N GLU A 203 -9.12 36.05 6.84
CA GLU A 203 -8.37 37.30 6.93
C GLU A 203 -9.30 38.48 7.02
N GLY A 204 -10.42 38.40 6.31
CA GLY A 204 -11.40 39.48 6.32
C GLY A 204 -12.02 39.69 7.68
N ILE A 205 -12.59 38.63 8.22
CA ILE A 205 -13.21 38.68 9.54
C ILE A 205 -12.23 39.27 10.57
N VAL A 206 -11.03 38.68 10.69
CA VAL A 206 -10.03 39.17 11.65
C VAL A 206 -9.54 40.58 11.29
N HIS A 207 -9.64 40.94 10.03
CA HIS A 207 -9.20 42.25 9.60
C HIS A 207 -10.23 43.30 10.01
N VAL A 208 -11.50 42.91 9.90
CA VAL A 208 -12.60 43.80 10.26
C VAL A 208 -12.68 43.82 11.78
N LEU A 209 -12.34 42.68 12.35
CA LEU A 209 -12.34 42.51 13.80
C LEU A 209 -11.40 43.54 14.40
N ARG A 210 -10.19 43.63 13.84
CA ARG A 210 -9.19 44.59 14.34
C ARG A 210 -9.64 46.03 14.15
N LEU A 211 -10.17 46.34 12.97
CA LEU A 211 -10.62 47.69 12.67
C LEU A 211 -11.86 48.11 13.45
N HIS A 212 -12.79 47.17 13.65
CA HIS A 212 -14.01 47.48 14.39
C HIS A 212 -13.63 47.73 15.85
N LEU A 213 -12.72 46.90 16.34
CA LEU A 213 -12.21 46.96 17.71
C LEU A 213 -11.35 48.19 18.01
N GLN A 214 -10.96 48.90 16.96
CA GLN A 214 -10.16 50.10 17.13
C GLN A 214 -11.13 51.28 17.24
N SER A 215 -12.17 51.25 16.42
CA SER A 215 -13.17 52.31 16.41
C SER A 215 -14.42 51.93 17.19
N ASN A 216 -14.25 51.15 18.25
CA ASN A 216 -15.38 50.74 19.07
C ASN A 216 -14.98 50.80 20.54
N HIS A 217 -13.71 50.52 20.78
CA HIS A 217 -13.11 50.54 22.11
C HIS A 217 -11.72 51.10 21.84
N PRO A 218 -11.69 52.35 21.37
CA PRO A 218 -10.51 53.14 21.02
C PRO A 218 -9.51 53.33 22.15
N ASP A 219 -9.80 52.80 23.32
CA ASP A 219 -8.89 53.00 24.43
C ASP A 219 -8.25 51.75 24.98
N ASP A 220 -8.57 50.61 24.37
CA ASP A 220 -8.00 49.34 24.77
C ASP A 220 -7.19 48.97 23.54
N ILE A 221 -6.23 49.82 23.20
CA ILE A 221 -5.42 49.61 22.01
C ILE A 221 -4.99 48.14 21.86
N PHE A 222 -4.67 47.51 22.99
CA PHE A 222 -4.24 46.12 22.95
C PHE A 222 -5.39 45.14 23.11
N LEU A 223 -6.62 45.61 22.95
CA LEU A 223 -7.79 44.75 23.08
C LEU A 223 -7.81 43.67 22.00
N PHE A 224 -7.37 44.01 20.79
CA PHE A 224 -7.37 43.05 19.69
C PHE A 224 -6.42 41.90 19.93
N PRO A 225 -5.19 42.21 20.33
CA PRO A 225 -4.25 41.11 20.57
C PRO A 225 -4.80 40.33 21.76
N LYS A 226 -5.49 41.05 22.63
CA LYS A 226 -6.09 40.45 23.81
C LYS A 226 -7.07 39.38 23.37
N LEU A 227 -7.96 39.76 22.46
CA LEU A 227 -8.96 38.84 21.93
C LEU A 227 -8.32 37.71 21.13
N LEU A 228 -7.15 37.95 20.55
CA LEU A 228 -6.48 36.90 19.80
C LEU A 228 -5.98 35.85 20.79
N GLN A 229 -5.78 36.29 22.03
CA GLN A 229 -5.30 35.40 23.08
C GLN A 229 -6.48 34.57 23.61
N LYS A 230 -7.66 35.19 23.71
CA LYS A 230 -8.87 34.51 24.20
C LYS A 230 -9.23 33.43 23.21
N MET A 231 -9.06 33.72 21.92
CA MET A 231 -9.33 32.72 20.90
C MET A 231 -8.49 31.49 21.23
N ALA A 232 -7.54 31.67 22.15
CA ALA A 232 -6.65 30.62 22.59
C ALA A 232 -7.10 30.05 23.94
N ASP A 233 -7.53 30.93 24.85
CA ASP A 233 -7.98 30.47 26.16
C ASP A 233 -9.22 29.59 25.96
N LEU A 234 -9.89 29.79 24.84
CA LEU A 234 -11.09 29.03 24.53
C LEU A 234 -10.84 27.70 23.84
N ARG A 235 -9.81 27.60 23.01
CA ARG A 235 -9.56 26.33 22.36
C ARG A 235 -9.08 25.33 23.42
N GLN A 236 -8.51 25.86 24.49
CA GLN A 236 -7.98 25.05 25.60
C GLN A 236 -9.00 24.84 26.72
N LEU A 237 -10.09 25.62 26.71
CA LEU A 237 -11.12 25.48 27.74
C LEU A 237 -12.02 24.31 27.32
N VAL A 238 -12.24 24.23 26.02
CA VAL A 238 -13.05 23.19 25.40
C VAL A 238 -12.31 21.88 25.54
N THR A 239 -11.00 21.95 25.33
CA THR A 239 -10.13 20.79 25.42
C THR A 239 -10.24 20.12 26.78
N GLU A 240 -10.22 20.94 27.83
CA GLU A 240 -10.31 20.46 29.20
C GLU A 240 -11.73 20.02 29.51
N HIS A 241 -12.70 20.68 28.86
CA HIS A 241 -14.10 20.33 29.04
C HIS A 241 -14.22 18.91 28.53
N ALA A 242 -13.86 18.71 27.27
CA ALA A 242 -13.91 17.39 26.63
C ALA A 242 -13.44 16.31 27.60
N GLN A 243 -12.34 16.57 28.31
CA GLN A 243 -11.80 15.61 29.28
C GLN A 243 -12.78 15.38 30.43
N LEU A 244 -12.93 16.42 31.26
CA LEU A 244 -13.82 16.36 32.42
C LEU A 244 -15.13 15.68 32.11
N VAL A 245 -15.62 15.86 30.89
CA VAL A 245 -16.87 15.25 30.46
C VAL A 245 -16.75 13.75 30.22
N GLN A 246 -15.55 13.26 29.97
CA GLN A 246 -15.46 11.84 29.71
C GLN A 246 -15.39 10.92 30.92
N ILE A 247 -15.39 11.50 32.12
CA ILE A 247 -15.44 10.66 33.30
C ILE A 247 -16.95 10.41 33.42
N ILE A 248 -17.71 10.97 32.49
CA ILE A 248 -19.14 10.72 32.51
C ILE A 248 -19.60 9.79 31.39
N LYS A 249 -18.77 9.49 30.38
CA LYS A 249 -19.20 8.52 29.36
C LYS A 249 -18.89 7.14 29.93
N LYS A 250 -17.67 6.95 30.44
CA LYS A 250 -17.24 5.68 31.01
C LYS A 250 -17.94 5.25 32.29
N THR A 251 -17.96 6.18 33.24
CA THR A 251 -18.53 5.97 34.58
C THR A 251 -20.03 5.96 34.72
N GLU A 252 -20.61 7.13 34.49
CA GLU A 252 -22.01 7.29 34.65
C GLU A 252 -22.75 6.48 33.56
N SER A 253 -22.43 6.63 32.27
CA SER A 253 -23.09 5.87 31.17
C SER A 253 -24.55 5.48 31.31
N ASP A 254 -25.40 6.35 31.85
CA ASP A 254 -26.82 6.04 31.93
C ASP A 254 -27.47 7.02 30.98
N ALA A 255 -27.08 8.28 31.10
CA ALA A 255 -27.60 9.34 30.24
C ALA A 255 -26.53 9.78 29.26
N ALA A 256 -26.32 9.02 28.20
CA ALA A 256 -25.33 9.40 27.20
C ALA A 256 -26.15 9.79 25.98
N LEU A 257 -25.48 9.91 24.84
CA LEU A 257 -26.17 10.23 23.59
C LEU A 257 -26.61 8.87 23.08
N HIS A 258 -27.49 8.24 23.83
CA HIS A 258 -28.05 6.93 23.50
C HIS A 258 -28.81 7.16 22.18
N PRO A 259 -29.30 6.10 21.49
CA PRO A 259 -30.01 6.39 20.24
C PRO A 259 -31.43 6.85 20.57
N LEU A 260 -31.54 7.74 21.56
CA LEU A 260 -32.81 8.26 22.02
C LEU A 260 -32.85 9.77 21.82
N LEU A 261 -31.76 10.31 21.27
CA LEU A 261 -31.69 11.73 21.01
C LEU A 261 -32.69 11.94 19.87
N GLN A 262 -33.09 10.82 19.26
CA GLN A 262 -34.05 10.74 18.13
C GLN A 262 -35.47 10.35 18.54
N GLU A 263 -36.37 11.30 18.52
CA GLU A 263 -37.77 11.05 18.84
C GLU A 263 -38.34 12.38 18.43
N ILE A 264 -37.39 13.30 18.29
CA ILE A 264 -37.60 14.68 17.94
C ILE A 264 -36.53 15.07 16.89
N TYR A 265 -35.35 14.47 17.04
CA TYR A 265 -34.18 14.70 16.18
C TYR A 265 -34.35 14.75 14.66
N ARG A 266 -35.00 13.76 14.07
CA ARG A 266 -35.20 13.72 12.61
C ARG A 266 -36.18 14.79 12.13
N ASP A 267 -37.44 14.39 12.01
CA ASP A 267 -38.52 15.26 11.57
C ASP A 267 -38.67 16.50 12.43
N MET A 268 -37.81 17.49 12.19
CA MET A 268 -37.86 18.72 12.96
C MET A 268 -37.20 19.87 12.20
N TYR A 269 -36.13 19.55 11.46
CA TYR A 269 -35.40 20.54 10.69
C TYR A 269 -34.87 20.00 9.36
N THR B 1 12.46 -24.20 15.38
CA THR B 1 11.50 -24.12 16.52
C THR B 1 11.68 -22.80 17.28
N ALA B 2 12.13 -21.75 16.59
CA ALA B 2 12.38 -20.44 17.23
C ALA B 2 11.46 -19.24 16.89
N ASP B 3 11.03 -19.14 15.64
CA ASP B 3 10.13 -18.06 15.23
C ASP B 3 9.08 -18.82 14.45
N LEU B 4 9.16 -20.13 14.66
CA LEU B 4 8.29 -21.14 14.06
C LEU B 4 7.30 -21.45 15.18
N LYS B 5 7.79 -21.24 16.39
CA LYS B 5 7.02 -21.48 17.59
C LYS B 5 5.90 -20.45 17.73
N SER B 6 6.19 -19.20 17.36
CA SER B 6 5.18 -18.15 17.45
C SER B 6 4.27 -18.16 16.22
N LEU B 7 4.57 -19.02 15.26
CA LEU B 7 3.80 -19.10 14.02
C LEU B 7 2.30 -19.31 14.17
N ALA B 8 1.90 -20.48 14.68
CA ALA B 8 0.49 -20.80 14.83
C ALA B 8 -0.31 -19.82 15.68
N LYS B 9 0.31 -19.18 16.65
CA LYS B 9 -0.42 -18.22 17.47
C LYS B 9 -0.62 -16.94 16.67
N ARG B 10 0.29 -16.69 15.73
CA ARG B 10 0.23 -15.53 14.86
C ARG B 10 -0.84 -15.75 13.79
N ILE B 11 -0.84 -16.92 13.18
CA ILE B 11 -1.81 -17.27 12.15
C ILE B 11 -3.23 -17.37 12.67
N TYR B 12 -3.39 -17.86 13.88
CA TYR B 12 -4.71 -18.00 14.45
C TYR B 12 -5.30 -16.66 14.84
N GLU B 13 -4.46 -15.71 15.25
CA GLU B 13 -4.95 -14.39 15.62
C GLU B 13 -5.24 -13.59 14.36
N ALA B 14 -4.53 -13.92 13.28
CA ALA B 14 -4.75 -13.25 12.02
C ALA B 14 -6.06 -13.78 11.43
N TYR B 15 -6.40 -15.01 11.78
CA TYR B 15 -7.60 -15.66 11.30
C TYR B 15 -8.81 -15.17 12.06
N LEU B 16 -8.65 -15.02 13.36
CA LEU B 16 -9.72 -14.55 14.23
C LEU B 16 -10.00 -13.08 13.96
N LYS B 17 -8.96 -12.35 13.61
CA LYS B 17 -9.13 -10.94 13.37
C LYS B 17 -9.86 -10.61 12.09
N ASN B 18 -9.47 -11.25 10.98
CA ASN B 18 -10.05 -10.95 9.66
C ASN B 18 -11.30 -11.65 9.13
N PHE B 19 -11.72 -12.76 9.73
CA PHE B 19 -12.92 -13.43 9.25
C PHE B 19 -14.06 -13.10 10.18
N ASN B 20 -15.13 -12.55 9.62
CA ASN B 20 -16.29 -12.18 10.42
C ASN B 20 -17.18 -13.34 10.87
N MET B 21 -17.07 -14.48 10.20
CA MET B 21 -17.85 -15.62 10.59
C MET B 21 -16.93 -16.79 10.88
N ASN B 22 -16.61 -17.03 12.15
CA ASN B 22 -15.74 -18.17 12.46
C ASN B 22 -16.63 -19.37 12.67
N LYS B 23 -16.04 -20.49 13.08
CA LYS B 23 -16.80 -21.71 13.28
C LYS B 23 -17.42 -21.74 14.65
N VAL B 24 -16.83 -21.03 15.59
CA VAL B 24 -17.40 -21.00 16.92
C VAL B 24 -18.74 -20.30 16.75
N LYS B 25 -18.73 -19.07 16.27
CA LYS B 25 -19.95 -18.32 16.07
C LYS B 25 -21.02 -19.07 15.29
N ALA B 26 -20.63 -19.69 14.17
CA ALA B 26 -21.57 -20.41 13.30
C ALA B 26 -22.25 -21.60 13.95
N ARG B 27 -21.51 -22.33 14.79
CA ARG B 27 -22.04 -23.52 15.47
C ARG B 27 -22.98 -23.18 16.63
N VAL B 28 -23.04 -21.89 16.96
CA VAL B 28 -23.88 -21.41 18.05
C VAL B 28 -25.16 -20.78 17.51
N ILE B 29 -25.18 -20.54 16.21
CA ILE B 29 -26.35 -19.97 15.59
C ILE B 29 -27.19 -21.13 15.11
N LEU B 30 -26.53 -22.13 14.54
CA LEU B 30 -27.18 -23.30 13.97
C LEU B 30 -27.92 -24.23 14.90
N SER B 31 -27.17 -24.99 15.66
CA SER B 31 -27.75 -25.93 16.61
C SER B 31 -27.46 -25.29 17.94
N GLY B 32 -26.32 -24.63 18.02
CA GLY B 32 -25.98 -23.98 19.27
C GLY B 32 -27.22 -23.28 19.80
N LYS B 33 -27.93 -22.60 18.89
CA LYS B 33 -29.13 -21.82 19.22
C LYS B 33 -29.31 -21.43 20.71
N ALA B 34 -28.40 -20.57 21.19
CA ALA B 34 -28.40 -20.07 22.56
C ALA B 34 -28.93 -18.64 22.60
N SER B 35 -30.13 -18.48 22.03
CA SER B 35 -30.84 -17.21 21.92
C SER B 35 -31.95 -17.44 20.92
N ASN B 36 -33.16 -16.99 21.24
CA ASN B 36 -34.26 -17.18 20.31
C ASN B 36 -34.12 -16.15 19.18
N ASN B 37 -35.04 -16.19 18.22
CA ASN B 37 -34.97 -15.29 17.08
C ASN B 37 -33.82 -15.84 16.25
N PRO B 38 -33.99 -17.03 15.67
CA PRO B 38 -32.96 -17.65 14.87
C PRO B 38 -32.89 -17.02 13.48
N PRO B 39 -31.92 -17.44 12.67
CA PRO B 39 -31.78 -16.89 11.31
C PRO B 39 -33.04 -17.08 10.50
N PHE B 40 -33.33 -16.08 9.66
CA PHE B 40 -34.49 -16.08 8.80
C PHE B 40 -34.33 -17.11 7.68
N VAL B 41 -35.07 -18.22 7.77
CA VAL B 41 -34.99 -19.30 6.80
C VAL B 41 -35.44 -19.04 5.37
N ILE B 42 -34.72 -19.62 4.41
CA ILE B 42 -35.02 -19.51 2.98
C ILE B 42 -35.20 -20.95 2.48
N HIS B 43 -36.37 -21.25 1.92
CA HIS B 43 -36.67 -22.59 1.44
C HIS B 43 -37.55 -22.66 0.20
N ASP B 44 -37.89 -21.49 -0.35
CA ASP B 44 -38.69 -21.46 -1.57
C ASP B 44 -38.61 -20.09 -2.23
N MET B 45 -38.81 -20.07 -3.53
CA MET B 45 -38.71 -18.84 -4.31
C MET B 45 -39.42 -17.66 -3.68
N GLU B 46 -40.28 -17.92 -2.71
CA GLU B 46 -40.98 -16.83 -2.03
C GLU B 46 -40.08 -16.25 -0.96
N THR B 47 -39.64 -17.10 -0.04
CA THR B 47 -38.77 -16.70 1.06
C THR B 47 -37.48 -16.16 0.46
N LEU B 48 -36.89 -16.93 -0.45
CA LEU B 48 -35.68 -16.50 -1.12
C LEU B 48 -35.96 -15.12 -1.71
N CYS B 49 -37.23 -14.79 -1.84
CA CYS B 49 -37.62 -13.51 -2.40
C CYS B 49 -37.89 -12.40 -1.37
N MET B 50 -38.00 -12.75 -0.10
CA MET B 50 -38.19 -11.73 0.93
C MET B 50 -36.78 -11.34 1.31
N ALA B 51 -35.89 -12.32 1.27
CA ALA B 51 -34.49 -12.13 1.59
C ALA B 51 -33.85 -11.11 0.64
N GLU B 52 -33.38 -11.59 -0.51
CA GLU B 52 -32.74 -10.70 -1.49
C GLU B 52 -33.49 -9.38 -1.65
N LYS B 53 -34.78 -9.42 -1.34
CA LYS B 53 -35.63 -8.24 -1.45
C LYS B 53 -35.01 -7.12 -0.64
N THR B 54 -34.78 -7.39 0.65
CA THR B 54 -34.20 -6.39 1.55
C THR B 54 -32.69 -6.41 1.54
N LEU B 55 -32.11 -7.57 1.30
CA LEU B 55 -30.66 -7.71 1.29
C LEU B 55 -30.03 -6.54 0.56
N VAL B 56 -30.53 -6.24 -0.62
CA VAL B 56 -30.03 -5.11 -1.38
C VAL B 56 -30.86 -3.91 -0.99
N ALA B 57 -30.24 -2.98 -0.27
CA ALA B 57 -30.95 -1.78 0.17
C ALA B 57 -31.67 -1.15 -1.03
N LYS B 58 -31.10 -1.36 -2.22
CA LYS B 58 -31.62 -0.80 -3.46
C LYS B 58 -32.59 -1.69 -4.28
N LEU B 59 -33.24 -2.65 -3.62
CA LEU B 59 -34.19 -3.52 -4.33
C LEU B 59 -35.58 -3.61 -3.68
N VAL B 60 -36.09 -2.47 -3.21
CA VAL B 60 -37.42 -2.44 -2.60
C VAL B 60 -38.26 -1.36 -3.28
N ALA B 61 -37.67 -0.78 -4.33
CA ALA B 61 -38.28 0.25 -5.15
C ALA B 61 -37.29 0.59 -6.28
N ASN B 62 -36.82 -0.46 -6.97
CA ASN B 62 -35.85 -0.31 -8.05
C ASN B 62 -36.34 -0.88 -9.39
N GLY B 63 -36.50 -2.20 -9.46
CA GLY B 63 -36.97 -2.79 -10.70
C GLY B 63 -36.64 -4.27 -10.85
N ILE B 64 -35.71 -4.76 -10.03
CA ILE B 64 -35.33 -6.17 -10.08
C ILE B 64 -36.25 -6.93 -9.11
N GLN B 65 -37.04 -7.87 -9.63
CA GLN B 65 -37.88 -8.64 -8.74
C GLN B 65 -38.44 -9.98 -9.25
N ASN B 66 -38.24 -10.29 -10.54
CA ASN B 66 -38.85 -11.47 -11.18
C ASN B 66 -38.25 -12.03 -12.44
N LYS B 67 -37.04 -11.67 -12.76
CA LYS B 67 -36.57 -12.06 -14.07
C LYS B 67 -36.49 -13.58 -14.36
N GLU B 68 -35.84 -14.37 -13.51
CA GLU B 68 -35.76 -15.83 -13.65
C GLU B 68 -35.07 -15.94 -12.31
N ALA B 69 -35.84 -16.31 -11.29
CA ALA B 69 -35.36 -16.39 -9.91
C ALA B 69 -34.06 -17.14 -9.57
N GLU B 70 -33.67 -18.10 -10.41
CA GLU B 70 -32.46 -18.89 -10.17
C GLU B 70 -31.19 -18.07 -10.36
N VAL B 71 -31.27 -17.07 -11.23
CA VAL B 71 -30.15 -16.17 -11.54
C VAL B 71 -30.02 -15.07 -10.48
N ARG B 72 -31.06 -14.97 -9.65
CA ARG B 72 -31.10 -14.00 -8.57
C ARG B 72 -30.18 -14.52 -7.47
N ILE B 73 -30.33 -15.81 -7.16
CA ILE B 73 -29.54 -16.50 -6.15
C ILE B 73 -28.06 -16.43 -6.50
N PHE B 74 -27.77 -16.54 -7.80
CA PHE B 74 -26.40 -16.46 -8.27
C PHE B 74 -25.88 -15.06 -8.00
N HIS B 75 -26.65 -14.06 -8.41
CA HIS B 75 -26.28 -12.66 -8.23
C HIS B 75 -25.78 -12.33 -6.83
N CYS B 76 -26.67 -12.35 -5.85
CA CYS B 76 -26.29 -12.04 -4.47
C CYS B 76 -25.55 -13.16 -3.75
N CYS B 77 -25.15 -14.17 -4.51
CA CYS B 77 -24.36 -15.28 -3.98
C CYS B 77 -22.99 -14.91 -4.51
N GLN B 78 -22.89 -13.64 -4.92
CA GLN B 78 -21.66 -13.08 -5.46
C GLN B 78 -21.27 -11.84 -4.65
N CYS B 79 -22.13 -11.45 -3.71
CA CYS B 79 -21.85 -10.31 -2.84
C CYS B 79 -21.06 -10.99 -1.75
N THR B 80 -21.65 -12.09 -1.31
CA THR B 80 -21.10 -12.95 -0.27
C THR B 80 -19.87 -13.66 -0.80
N SER B 81 -19.26 -13.06 -1.82
CA SER B 81 -18.08 -13.65 -2.43
C SER B 81 -17.03 -12.59 -2.76
N VAL B 82 -17.38 -11.32 -2.63
CA VAL B 82 -16.44 -10.23 -2.89
C VAL B 82 -16.04 -9.62 -1.56
N GLU B 83 -16.75 -10.03 -0.52
CA GLU B 83 -16.46 -9.59 0.82
C GLU B 83 -15.47 -10.65 1.27
N THR B 84 -15.84 -11.89 0.96
CA THR B 84 -15.05 -13.06 1.32
C THR B 84 -13.67 -13.01 0.69
N VAL B 85 -13.62 -12.65 -0.58
CA VAL B 85 -12.33 -12.57 -1.25
C VAL B 85 -11.43 -11.60 -0.50
N THR B 86 -12.01 -10.48 -0.08
CA THR B 86 -11.24 -9.46 0.61
C THR B 86 -10.69 -9.83 1.97
N GLU B 87 -11.49 -10.51 2.80
CA GLU B 87 -10.97 -10.90 4.11
C GLU B 87 -9.97 -12.05 3.95
N LEU B 88 -10.13 -12.86 2.92
CA LEU B 88 -9.19 -13.94 2.67
C LEU B 88 -7.85 -13.30 2.28
N THR B 89 -7.92 -12.13 1.66
CA THR B 89 -6.72 -11.43 1.25
C THR B 89 -6.08 -10.75 2.44
N GLU B 90 -6.90 -10.30 3.38
CA GLU B 90 -6.39 -9.62 4.56
C GLU B 90 -5.75 -10.62 5.51
N PHE B 91 -6.38 -11.78 5.67
CA PHE B 91 -5.85 -12.83 6.52
C PHE B 91 -4.47 -13.15 5.94
N ALA B 92 -4.45 -13.44 4.64
CA ALA B 92 -3.22 -13.78 3.95
C ALA B 92 -2.06 -12.85 4.19
N LYS B 93 -2.28 -11.55 4.35
CA LYS B 93 -1.11 -10.73 4.58
C LYS B 93 -0.74 -10.56 6.04
N ALA B 94 -1.50 -11.23 6.91
CA ALA B 94 -1.22 -11.20 8.34
C ALA B 94 -0.41 -12.48 8.62
N ILE B 95 -0.35 -13.35 7.60
CA ILE B 95 0.37 -14.61 7.66
C ILE B 95 1.85 -14.34 7.55
N PRO B 96 2.60 -14.67 8.61
CA PRO B 96 4.04 -14.50 8.69
C PRO B 96 4.82 -14.62 7.37
N GLY B 97 5.49 -13.53 6.99
CA GLY B 97 6.31 -13.53 5.80
C GLY B 97 5.68 -13.74 4.43
N PHE B 98 4.40 -13.38 4.31
CA PHE B 98 3.69 -13.49 3.04
C PHE B 98 3.83 -12.12 2.38
N ALA B 99 3.60 -11.08 3.18
CA ALA B 99 3.67 -9.70 2.75
C ALA B 99 5.05 -9.30 2.22
N ASN B 100 6.05 -10.15 2.45
CA ASN B 100 7.40 -9.86 1.98
C ASN B 100 7.72 -10.67 0.74
N LEU B 101 6.67 -11.02 0.00
CA LEU B 101 6.80 -11.79 -1.21
C LEU B 101 6.70 -10.84 -2.37
N ASP B 102 6.94 -11.36 -3.56
CA ASP B 102 6.83 -10.55 -4.76
C ASP B 102 5.36 -10.20 -4.84
N LEU B 103 5.05 -8.91 -4.68
CA LEU B 103 3.67 -8.44 -4.73
C LEU B 103 2.94 -9.14 -5.83
N ASN B 104 3.69 -9.65 -6.79
CA ASN B 104 3.10 -10.37 -7.91
C ASN B 104 2.68 -11.78 -7.52
N ASP B 105 3.57 -12.51 -6.85
CA ASP B 105 3.25 -13.86 -6.41
C ASP B 105 2.14 -13.81 -5.36
N GLN B 106 2.04 -12.69 -4.66
CA GLN B 106 0.99 -12.51 -3.66
C GLN B 106 -0.36 -12.57 -4.37
N VAL B 107 -0.39 -12.08 -5.59
CA VAL B 107 -1.61 -12.09 -6.38
C VAL B 107 -1.81 -13.47 -6.95
N THR B 108 -0.73 -14.17 -7.22
CA THR B 108 -0.84 -15.51 -7.79
C THR B 108 -1.33 -16.55 -6.79
N LEU B 109 -0.80 -16.50 -5.57
CA LEU B 109 -1.19 -17.46 -4.53
C LEU B 109 -2.64 -17.29 -4.13
N LEU B 110 -3.07 -16.04 -4.00
CA LEU B 110 -4.43 -15.72 -3.62
C LEU B 110 -5.40 -16.01 -4.73
N LYS B 111 -5.02 -15.67 -5.95
CA LYS B 111 -5.84 -15.90 -7.13
C LYS B 111 -6.06 -17.40 -7.33
N TYR B 112 -4.97 -18.15 -7.37
CA TYR B 112 -5.07 -19.58 -7.60
C TYR B 112 -5.64 -20.47 -6.52
N GLY B 113 -5.64 -20.00 -5.27
CA GLY B 113 -6.17 -20.84 -4.24
C GLY B 113 -7.20 -20.15 -3.42
N VAL B 114 -7.82 -19.11 -3.95
CA VAL B 114 -8.82 -18.43 -3.15
C VAL B 114 -10.06 -19.29 -3.04
N TYR B 115 -10.35 -20.06 -4.09
CA TYR B 115 -11.52 -20.93 -4.09
C TYR B 115 -11.39 -22.10 -3.14
N GLU B 116 -10.24 -22.78 -3.19
CA GLU B 116 -10.02 -23.90 -2.31
C GLU B 116 -10.28 -23.48 -0.87
N ALA B 117 -9.88 -22.26 -0.54
CA ALA B 117 -10.05 -21.74 0.82
C ALA B 117 -11.51 -21.51 1.19
N ILE B 118 -12.30 -21.03 0.24
CA ILE B 118 -13.71 -20.77 0.49
C ILE B 118 -14.54 -22.01 0.81
N PHE B 119 -14.33 -23.08 0.05
CA PHE B 119 -15.07 -24.31 0.29
C PHE B 119 -14.60 -24.99 1.58
N ALA B 120 -13.32 -24.87 1.88
CA ALA B 120 -12.78 -25.45 3.10
C ALA B 120 -13.47 -24.78 4.29
N MET B 121 -13.67 -23.47 4.17
CA MET B 121 -14.30 -22.71 5.25
C MET B 121 -15.83 -22.70 5.26
N LEU B 122 -16.45 -22.96 4.13
CA LEU B 122 -17.92 -22.96 4.08
C LEU B 122 -18.49 -24.00 5.03
N SER B 123 -17.84 -25.16 5.08
CA SER B 123 -18.29 -26.28 5.90
C SER B 123 -18.47 -25.98 7.37
N SER B 124 -17.94 -24.85 7.82
CA SER B 124 -18.07 -24.47 9.21
C SER B 124 -19.44 -23.83 9.42
N VAL B 125 -20.00 -23.40 8.30
CA VAL B 125 -21.28 -22.70 8.27
C VAL B 125 -22.45 -23.55 7.76
N MET B 126 -22.20 -24.84 7.59
CA MET B 126 -23.22 -25.78 7.11
C MET B 126 -23.55 -26.88 8.14
N ASN B 127 -24.58 -27.65 7.85
CA ASN B 127 -25.01 -28.79 8.65
C ASN B 127 -25.72 -29.70 7.64
N LYS B 128 -26.18 -30.88 8.06
CA LYS B 128 -26.83 -31.76 7.09
C LYS B 128 -28.05 -31.18 6.40
N ASP B 129 -28.62 -30.10 6.95
CA ASP B 129 -29.85 -29.48 6.40
C ASP B 129 -29.73 -28.15 5.65
N GLY B 130 -28.53 -27.59 5.54
CA GLY B 130 -28.41 -26.32 4.85
C GLY B 130 -27.25 -25.49 5.35
N MET B 131 -27.22 -24.22 4.96
CA MET B 131 -26.10 -23.38 5.37
C MET B 131 -26.45 -21.92 5.65
N LEU B 132 -25.75 -21.37 6.63
CA LEU B 132 -25.93 -19.99 7.04
C LEU B 132 -25.49 -19.01 5.96
N VAL B 133 -26.27 -17.96 5.76
CA VAL B 133 -25.95 -16.93 4.78
C VAL B 133 -26.09 -15.53 5.39
N ALA B 134 -25.45 -14.56 4.77
CA ALA B 134 -25.53 -13.17 5.21
C ALA B 134 -25.11 -12.86 6.63
N TYR B 135 -23.93 -13.30 7.02
CA TYR B 135 -23.44 -13.00 8.35
C TYR B 135 -24.31 -13.73 9.36
N GLY B 136 -24.45 -15.04 9.12
CA GLY B 136 -25.25 -15.90 9.99
C GLY B 136 -26.69 -15.47 10.22
N ASN B 137 -27.09 -14.39 9.56
CA ASN B 137 -28.44 -13.87 9.72
C ASN B 137 -29.52 -14.74 9.11
N GLY B 138 -29.26 -15.29 7.92
CA GLY B 138 -30.24 -16.14 7.26
C GLY B 138 -29.72 -17.55 7.16
N PHE B 139 -30.61 -18.49 6.83
CA PHE B 139 -30.20 -19.89 6.70
C PHE B 139 -30.98 -20.49 5.55
N ILE B 140 -30.31 -20.69 4.42
CA ILE B 140 -30.94 -21.26 3.23
C ILE B 140 -30.88 -22.79 3.20
N THR B 141 -32.05 -23.41 3.12
CA THR B 141 -32.20 -24.86 3.14
C THR B 141 -31.55 -25.65 2.02
N ARG B 142 -30.87 -26.72 2.42
CA ARG B 142 -30.19 -27.57 1.47
C ARG B 142 -31.15 -28.13 0.45
N GLU B 143 -32.31 -28.57 0.92
CA GLU B 143 -33.32 -29.16 0.04
C GLU B 143 -33.90 -28.15 -0.94
N PHE B 144 -33.84 -26.87 -0.60
CA PHE B 144 -34.35 -25.83 -1.48
C PHE B 144 -33.40 -25.57 -2.64
N LEU B 145 -32.10 -25.72 -2.40
CA LEU B 145 -31.11 -25.48 -3.43
C LEU B 145 -31.10 -26.56 -4.51
N LYS B 146 -31.23 -27.81 -4.11
CA LYS B 146 -31.22 -28.92 -5.04
C LYS B 146 -32.53 -29.04 -5.82
N SER B 147 -33.50 -28.20 -5.46
CA SER B 147 -34.78 -28.22 -6.15
C SER B 147 -34.97 -26.96 -6.99
N LEU B 148 -33.92 -26.57 -7.71
CA LEU B 148 -33.95 -25.40 -8.57
C LEU B 148 -33.86 -25.85 -10.01
N ARG B 149 -34.30 -24.97 -10.91
CA ARG B 149 -34.24 -25.27 -12.34
C ARG B 149 -32.81 -25.66 -12.66
N LYS B 150 -32.62 -26.90 -13.11
CA LYS B 150 -31.28 -27.37 -13.48
C LYS B 150 -30.77 -26.41 -14.56
N PRO B 151 -29.44 -26.25 -14.71
CA PRO B 151 -28.23 -26.79 -14.07
C PRO B 151 -27.87 -26.09 -12.77
N PHE B 152 -28.85 -25.85 -11.90
CA PHE B 152 -28.54 -25.15 -10.67
C PHE B 152 -28.63 -26.01 -9.42
N CYS B 153 -29.23 -27.19 -9.56
CA CYS B 153 -29.37 -28.11 -8.44
C CYS B 153 -28.10 -28.96 -8.30
N ASP B 154 -27.09 -28.64 -9.09
CA ASP B 154 -25.85 -29.40 -9.09
C ASP B 154 -24.63 -28.64 -8.56
N ILE B 155 -24.83 -27.36 -8.27
CA ILE B 155 -23.76 -26.50 -7.79
C ILE B 155 -23.40 -26.70 -6.33
N MET B 156 -24.30 -26.28 -5.45
CA MET B 156 -24.06 -26.37 -4.01
C MET B 156 -24.12 -27.73 -3.36
N GLU B 157 -24.71 -28.72 -4.01
CA GLU B 157 -24.78 -30.01 -3.37
C GLU B 157 -23.42 -30.70 -3.18
N PRO B 158 -22.52 -30.63 -4.18
CA PRO B 158 -21.21 -31.28 -4.03
C PRO B 158 -20.44 -30.74 -2.82
N LYS B 159 -20.68 -29.49 -2.49
CA LYS B 159 -20.02 -28.84 -1.37
C LYS B 159 -20.64 -29.36 -0.06
N PHE B 160 -21.96 -29.54 -0.04
CA PHE B 160 -22.63 -30.07 1.15
C PHE B 160 -22.05 -31.46 1.35
N ASP B 161 -21.91 -32.17 0.25
CA ASP B 161 -21.37 -33.51 0.27
C ASP B 161 -20.01 -33.42 0.97
N PHE B 162 -19.18 -32.49 0.51
CA PHE B 162 -17.86 -32.32 1.09
C PHE B 162 -17.92 -31.93 2.57
N ALA B 163 -18.63 -30.84 2.85
CA ALA B 163 -18.77 -30.31 4.19
C ALA B 163 -19.07 -31.35 5.28
N MET B 164 -19.97 -32.27 4.98
CA MET B 164 -20.34 -33.29 5.94
C MET B 164 -19.20 -34.22 6.28
N LYS B 165 -18.40 -34.62 5.30
CA LYS B 165 -17.28 -35.49 5.56
C LYS B 165 -16.16 -34.72 6.28
N PHE B 166 -15.97 -33.47 5.89
CA PHE B 166 -14.94 -32.63 6.49
C PHE B 166 -15.27 -32.28 7.94
N ASN B 167 -16.51 -31.92 8.23
CA ASN B 167 -16.88 -31.54 9.60
C ASN B 167 -16.84 -32.66 10.61
N ALA B 168 -16.72 -33.90 10.13
CA ALA B 168 -16.66 -35.05 11.00
C ALA B 168 -15.28 -35.13 11.69
N LEU B 169 -14.29 -34.57 11.03
CA LEU B 169 -12.95 -34.55 11.59
C LEU B 169 -12.98 -33.67 12.83
N GLU B 170 -14.10 -33.00 13.07
CA GLU B 170 -14.24 -32.12 14.23
C GLU B 170 -13.04 -31.20 14.48
N LEU B 171 -12.67 -30.40 13.49
CA LEU B 171 -11.55 -29.47 13.63
C LEU B 171 -12.10 -28.18 14.24
N ASP B 172 -11.25 -27.43 14.92
CA ASP B 172 -11.72 -26.17 15.51
C ASP B 172 -11.10 -25.02 14.75
N ASP B 173 -11.47 -23.80 15.10
CA ASP B 173 -10.96 -22.62 14.42
C ASP B 173 -9.46 -22.50 14.35
N SER B 174 -8.75 -22.97 15.38
CA SER B 174 -7.31 -22.87 15.34
C SER B 174 -6.73 -23.78 14.25
N ASP B 175 -7.40 -24.89 13.97
CA ASP B 175 -6.93 -25.82 12.95
C ASP B 175 -7.28 -25.30 11.56
N ILE B 176 -8.44 -24.68 11.42
CA ILE B 176 -8.84 -24.15 10.13
C ILE B 176 -7.86 -23.06 9.77
N SER B 177 -7.40 -22.32 10.78
CA SER B 177 -6.43 -21.26 10.57
C SER B 177 -5.27 -21.80 9.78
N LEU B 178 -4.56 -22.71 10.41
CA LEU B 178 -3.40 -23.33 9.83
C LEU B 178 -3.70 -24.06 8.54
N PHE B 179 -4.85 -24.73 8.45
CA PHE B 179 -5.18 -25.47 7.24
C PHE B 179 -5.33 -24.51 6.05
N VAL B 180 -6.11 -23.45 6.24
CA VAL B 180 -6.34 -22.46 5.19
C VAL B 180 -5.07 -21.71 4.77
N ALA B 181 -4.09 -21.62 5.65
CA ALA B 181 -2.84 -20.94 5.31
C ALA B 181 -2.00 -21.89 4.48
N ALA B 182 -2.10 -23.17 4.82
CA ALA B 182 -1.36 -24.20 4.12
C ALA B 182 -1.88 -24.22 2.71
N ILE B 183 -3.15 -23.87 2.58
CA ILE B 183 -3.81 -23.85 1.28
C ILE B 183 -3.40 -22.70 0.39
N ILE B 184 -3.37 -21.50 0.94
CA ILE B 184 -2.99 -20.32 0.18
C ILE B 184 -1.50 -20.33 -0.18
N CYS B 185 -0.65 -20.51 0.81
CA CYS B 185 0.80 -20.53 0.61
C CYS B 185 1.39 -21.84 0.15
N CYS B 186 1.09 -22.27 -1.06
CA CYS B 186 1.69 -23.52 -1.52
C CYS B 186 2.37 -23.14 -2.81
N GLY B 187 3.46 -23.82 -3.16
CA GLY B 187 4.15 -23.48 -4.40
C GLY B 187 3.79 -24.24 -5.66
N ASP B 188 2.62 -24.89 -5.68
CA ASP B 188 2.20 -25.64 -6.86
C ASP B 188 1.52 -24.78 -7.87
N ARG B 189 1.26 -23.53 -7.49
CA ARG B 189 0.60 -22.59 -8.38
C ARG B 189 1.55 -22.09 -9.49
N PRO B 190 1.03 -22.02 -10.73
CA PRO B 190 1.81 -21.56 -11.89
C PRO B 190 2.10 -20.06 -12.00
N GLY B 191 3.31 -19.76 -12.44
CA GLY B 191 3.69 -18.37 -12.60
C GLY B 191 4.25 -17.76 -11.34
N LEU B 192 4.80 -18.59 -10.46
CA LEU B 192 5.39 -18.05 -9.24
C LEU B 192 6.85 -17.80 -9.62
N LEU B 193 7.38 -16.66 -9.20
CA LEU B 193 8.75 -16.33 -9.54
C LEU B 193 9.68 -17.01 -8.57
N ASN B 194 9.28 -17.02 -7.30
CA ASN B 194 10.06 -17.63 -6.25
C ASN B 194 9.42 -18.90 -5.67
N VAL B 195 9.14 -19.87 -6.54
CA VAL B 195 8.52 -21.12 -6.12
C VAL B 195 9.29 -21.87 -5.03
N GLY B 196 10.57 -21.59 -4.91
CA GLY B 196 11.32 -22.29 -3.88
C GLY B 196 11.09 -21.64 -2.53
N HIS B 197 11.04 -20.32 -2.51
CA HIS B 197 10.85 -19.65 -1.25
C HIS B 197 9.49 -19.95 -0.67
N ILE B 198 8.46 -19.92 -1.50
CA ILE B 198 7.11 -20.18 -1.02
C ILE B 198 7.03 -21.60 -0.48
N GLU B 199 7.76 -22.50 -1.11
CA GLU B 199 7.76 -23.88 -0.70
C GLU B 199 8.32 -24.14 0.69
N LYS B 200 9.32 -23.36 1.08
CA LYS B 200 9.95 -23.48 2.40
C LYS B 200 9.05 -22.76 3.39
N MET B 201 8.24 -21.85 2.86
CA MET B 201 7.31 -21.06 3.67
C MET B 201 6.16 -21.93 4.13
N GLN B 202 5.62 -22.70 3.20
CA GLN B 202 4.53 -23.58 3.49
C GLN B 202 5.03 -24.80 4.23
N GLU B 203 6.23 -25.22 3.88
CA GLU B 203 6.82 -26.36 4.52
C GLU B 203 6.84 -26.09 6.03
N GLY B 204 6.79 -24.81 6.38
CA GLY B 204 6.82 -24.42 7.78
C GLY B 204 5.45 -24.20 8.39
N ILE B 205 4.48 -23.91 7.55
CA ILE B 205 3.12 -23.71 8.03
C ILE B 205 2.65 -25.11 8.31
N VAL B 206 2.87 -26.00 7.35
CA VAL B 206 2.46 -27.39 7.44
C VAL B 206 3.16 -28.20 8.55
N HIS B 207 4.30 -27.72 9.03
CA HIS B 207 4.96 -28.44 10.12
C HIS B 207 4.27 -28.04 11.41
N VAL B 208 4.04 -26.76 11.55
CA VAL B 208 3.37 -26.22 12.71
C VAL B 208 1.96 -26.81 12.75
N LEU B 209 1.46 -27.25 11.59
CA LEU B 209 0.12 -27.83 11.47
C LEU B 209 0.12 -29.26 11.99
N ARG B 210 0.97 -30.08 11.40
CA ARG B 210 1.11 -31.47 11.80
C ARG B 210 1.16 -31.55 13.32
N LEU B 211 1.97 -30.70 13.93
CA LEU B 211 2.11 -30.70 15.37
C LEU B 211 0.87 -30.26 16.13
N HIS B 212 0.36 -29.06 15.84
CA HIS B 212 -0.81 -28.51 16.51
C HIS B 212 -1.96 -29.49 16.43
N LEU B 213 -1.88 -30.38 15.45
CA LEU B 213 -2.92 -31.37 15.22
C LEU B 213 -2.64 -32.68 15.95
N GLN B 214 -1.37 -33.08 15.97
CA GLN B 214 -0.99 -34.32 16.64
C GLN B 214 -1.50 -34.18 18.03
N SER B 215 -0.92 -33.19 18.70
CA SER B 215 -1.22 -32.90 20.06
C SER B 215 -2.67 -32.47 20.44
N ASN B 216 -3.35 -31.63 19.66
CA ASN B 216 -4.71 -31.21 20.00
C ASN B 216 -5.85 -32.17 19.71
N HIS B 217 -5.62 -33.15 18.87
CA HIS B 217 -6.65 -34.13 18.55
C HIS B 217 -5.89 -35.43 18.62
N PRO B 218 -5.30 -35.72 19.79
CA PRO B 218 -4.52 -36.94 20.02
C PRO B 218 -5.28 -38.25 19.85
N ASP B 219 -6.60 -38.19 19.90
CA ASP B 219 -7.35 -39.41 19.72
C ASP B 219 -7.37 -39.75 18.25
N ASP B 220 -7.58 -38.73 17.42
CA ASP B 220 -7.59 -38.92 15.97
C ASP B 220 -6.13 -38.96 15.57
N ILE B 221 -5.48 -40.09 15.77
CA ILE B 221 -4.05 -40.19 15.49
C ILE B 221 -3.60 -40.10 14.04
N PHE B 222 -4.51 -40.27 13.08
CA PHE B 222 -4.14 -40.12 11.66
C PHE B 222 -4.89 -38.92 11.08
N LEU B 223 -5.04 -37.87 11.89
CA LEU B 223 -5.73 -36.67 11.45
C LEU B 223 -4.96 -35.90 10.39
N PHE B 224 -3.63 -35.92 10.44
CA PHE B 224 -2.86 -35.19 9.42
C PHE B 224 -3.06 -35.83 8.06
N PRO B 225 -2.63 -37.09 7.89
CA PRO B 225 -2.83 -37.70 6.58
C PRO B 225 -4.31 -37.67 6.20
N LYS B 226 -5.15 -37.49 7.19
CA LYS B 226 -6.58 -37.39 6.92
C LYS B 226 -6.84 -36.00 6.36
N LEU B 227 -6.13 -35.01 6.87
CA LEU B 227 -6.30 -33.63 6.41
C LEU B 227 -5.60 -33.35 5.10
N LEU B 228 -4.61 -34.17 4.75
CA LEU B 228 -3.90 -33.96 3.49
C LEU B 228 -4.80 -34.47 2.39
N GLN B 229 -5.47 -35.58 2.65
CA GLN B 229 -6.35 -36.15 1.65
C GLN B 229 -7.50 -35.19 1.35
N LYS B 230 -7.70 -34.22 2.23
CA LYS B 230 -8.76 -33.22 2.02
C LYS B 230 -8.26 -32.06 1.18
N MET B 231 -7.01 -31.62 1.39
CA MET B 231 -6.43 -30.52 0.61
C MET B 231 -6.47 -30.95 -0.85
N ALA B 232 -6.62 -32.25 -1.05
CA ALA B 232 -6.65 -32.84 -2.37
C ALA B 232 -8.05 -32.96 -2.97
N ASP B 233 -9.03 -33.38 -2.17
CA ASP B 233 -10.40 -33.52 -2.68
C ASP B 233 -10.96 -32.10 -2.88
N LEU B 234 -10.36 -31.14 -2.19
CA LEU B 234 -10.76 -29.75 -2.24
C LEU B 234 -10.24 -29.13 -3.51
N ARG B 235 -9.07 -29.56 -3.93
CA ARG B 235 -8.46 -29.04 -5.14
C ARG B 235 -9.33 -29.49 -6.31
N GLN B 236 -9.88 -30.69 -6.19
CA GLN B 236 -10.74 -31.27 -7.22
C GLN B 236 -12.10 -30.59 -7.20
N LEU B 237 -12.76 -30.63 -6.05
CA LEU B 237 -14.08 -30.02 -5.87
C LEU B 237 -14.11 -28.65 -6.54
N VAL B 238 -13.01 -27.92 -6.34
CA VAL B 238 -12.83 -26.59 -6.87
C VAL B 238 -12.89 -26.60 -8.40
N THR B 239 -12.18 -27.55 -9.00
CA THR B 239 -12.17 -27.70 -10.45
C THR B 239 -13.60 -27.87 -10.96
N GLU B 240 -14.18 -28.99 -10.59
CA GLU B 240 -15.53 -29.33 -10.99
C GLU B 240 -16.48 -28.15 -10.82
N HIS B 241 -16.32 -27.41 -9.73
CA HIS B 241 -17.21 -26.27 -9.54
C HIS B 241 -17.15 -25.33 -10.74
N ALA B 242 -15.98 -25.18 -11.33
CA ALA B 242 -15.81 -24.30 -12.48
C ALA B 242 -16.30 -24.92 -13.78
N GLN B 243 -15.99 -26.20 -13.97
CA GLN B 243 -16.40 -26.89 -15.18
C GLN B 243 -17.91 -27.14 -15.10
N LEU B 244 -18.44 -27.13 -13.87
CA LEU B 244 -19.87 -27.33 -13.61
C LEU B 244 -20.55 -25.97 -13.49
N VAL B 245 -19.79 -24.94 -13.82
CA VAL B 245 -20.28 -23.58 -13.78
C VAL B 245 -20.00 -22.98 -15.15
N GLN B 246 -19.16 -23.67 -15.91
CA GLN B 246 -18.84 -23.25 -17.26
C GLN B 246 -20.10 -23.53 -18.06
N ILE B 247 -20.65 -24.72 -17.83
CA ILE B 247 -21.86 -25.20 -18.46
C ILE B 247 -23.06 -24.32 -18.03
N ILE B 248 -22.77 -23.06 -17.70
CA ILE B 248 -23.78 -22.08 -17.27
C ILE B 248 -23.38 -20.71 -17.82
N LYS B 249 -22.17 -20.64 -18.38
CA LYS B 249 -21.63 -19.40 -18.92
C LYS B 249 -22.50 -18.73 -20.00
N LYS B 250 -22.13 -18.85 -21.26
CA LYS B 250 -22.89 -18.23 -22.35
C LYS B 250 -24.15 -19.02 -22.71
N THR B 251 -24.49 -20.00 -21.87
CA THR B 251 -25.69 -20.83 -22.05
C THR B 251 -26.90 -19.97 -21.72
N GLU B 252 -26.95 -19.50 -20.48
CA GLU B 252 -28.03 -18.64 -20.05
C GLU B 252 -27.32 -17.42 -19.50
N SER B 253 -26.57 -16.76 -20.38
CA SER B 253 -25.81 -15.55 -20.08
C SER B 253 -26.73 -14.36 -20.01
N ASP B 254 -26.90 -13.88 -18.81
CA ASP B 254 -27.74 -12.75 -18.50
C ASP B 254 -26.86 -12.06 -17.51
N ALA B 255 -26.92 -12.73 -16.36
CA ALA B 255 -26.34 -12.49 -15.04
C ALA B 255 -24.94 -13.02 -14.81
N ALA B 256 -24.00 -12.13 -14.55
CA ALA B 256 -22.62 -12.55 -14.34
C ALA B 256 -21.64 -11.41 -14.60
N LEU B 257 -20.36 -11.75 -14.70
CA LEU B 257 -19.32 -10.77 -14.96
C LEU B 257 -19.80 -9.89 -16.13
N HIS B 258 -20.62 -8.89 -15.91
CA HIS B 258 -21.03 -8.21 -17.12
C HIS B 258 -20.23 -6.93 -17.18
N PRO B 259 -20.23 -6.25 -18.32
CA PRO B 259 -19.44 -5.02 -18.27
C PRO B 259 -20.14 -4.05 -17.31
N LEU B 260 -20.89 -4.62 -16.35
CA LEU B 260 -21.63 -3.87 -15.34
C LEU B 260 -20.75 -3.43 -14.19
N LEU B 261 -19.58 -4.00 -14.07
CA LEU B 261 -18.80 -3.58 -12.93
C LEU B 261 -18.29 -2.15 -13.13
N GLN B 262 -18.11 -1.73 -14.38
CA GLN B 262 -17.68 -0.37 -14.70
C GLN B 262 -18.49 0.65 -13.86
N GLU B 263 -19.70 0.25 -13.46
CA GLU B 263 -20.58 1.07 -12.63
C GLU B 263 -20.62 0.42 -11.24
N ILE B 264 -21.40 0.95 -10.31
CA ILE B 264 -21.47 0.39 -8.96
C ILE B 264 -20.10 0.49 -8.29
N TYR B 265 -19.10 0.93 -9.05
CA TYR B 265 -17.73 1.09 -8.57
C TYR B 265 -17.13 2.23 -9.41
N ARG B 266 -17.92 3.30 -9.60
CA ARG B 266 -17.54 4.47 -10.40
C ARG B 266 -16.94 5.64 -9.62
N ASP B 267 -15.63 5.60 -9.38
CA ASP B 267 -14.91 6.65 -8.64
C ASP B 267 -15.35 6.68 -7.17
N MET B 268 -15.00 5.62 -6.43
CA MET B 268 -15.41 5.46 -5.03
C MET B 268 -14.35 5.61 -3.92
N TYR B 269 -13.23 4.89 -4.00
CA TYR B 269 -12.21 4.99 -2.94
C TYR B 269 -10.92 5.74 -3.29
N THR C 1 8.90 -2.32 25.12
CA THR C 1 10.23 -3.01 25.18
C THR C 1 10.21 -4.36 24.45
N ALA C 2 9.04 -4.77 23.97
CA ALA C 2 8.90 -6.06 23.28
C ALA C 2 8.67 -6.00 21.76
N ASP C 3 8.41 -4.80 21.24
CA ASP C 3 8.21 -4.58 19.81
C ASP C 3 8.73 -3.17 19.63
N LEU C 4 8.82 -2.48 20.76
CA LEU C 4 9.34 -1.12 20.83
C LEU C 4 10.84 -1.34 20.78
N LYS C 5 11.23 -2.61 20.74
CA LYS C 5 12.63 -2.92 20.68
C LYS C 5 13.05 -3.22 19.24
N SER C 6 12.10 -3.65 18.42
CA SER C 6 12.38 -3.94 17.02
C SER C 6 12.45 -2.62 16.26
N LEU C 7 11.78 -1.62 16.81
CA LEU C 7 11.73 -0.29 16.22
C LEU C 7 13.12 0.19 15.78
N ALA C 8 13.98 0.44 16.76
CA ALA C 8 15.34 0.92 16.52
C ALA C 8 16.04 0.34 15.30
N LYS C 9 16.05 -0.98 15.19
CA LYS C 9 16.71 -1.66 14.08
C LYS C 9 15.91 -1.80 12.78
N ARG C 10 14.60 -1.91 12.86
CA ARG C 10 13.83 -2.08 11.64
C ARG C 10 13.62 -0.75 10.90
N ILE C 11 13.99 0.35 11.57
CA ILE C 11 13.89 1.69 10.99
C ILE C 11 15.22 2.04 10.32
N TYR C 12 16.32 1.62 10.95
CA TYR C 12 17.66 1.86 10.40
C TYR C 12 17.77 1.06 9.13
N GLU C 13 17.15 -0.11 9.13
CA GLU C 13 17.16 -1.00 7.98
C GLU C 13 16.46 -0.37 6.79
N ALA C 14 15.35 0.33 7.08
CA ALA C 14 14.55 0.99 6.06
C ALA C 14 15.29 2.20 5.50
N TYR C 15 16.36 2.56 6.17
CA TYR C 15 17.18 3.69 5.79
C TYR C 15 18.20 3.21 4.77
N LEU C 16 19.00 2.22 5.18
CA LEU C 16 20.03 1.64 4.35
C LEU C 16 19.34 0.93 3.22
N LYS C 17 18.03 1.07 3.15
CA LYS C 17 17.32 0.39 2.12
C LYS C 17 16.59 1.35 1.20
N ASN C 18 16.23 2.52 1.71
CA ASN C 18 15.49 3.45 0.88
C ASN C 18 16.17 4.76 0.51
N PHE C 19 17.41 4.95 0.93
CA PHE C 19 18.18 6.14 0.60
C PHE C 19 19.43 5.71 -0.15
N ASN C 20 19.53 6.15 -1.40
CA ASN C 20 20.67 5.80 -2.24
C ASN C 20 21.98 6.28 -1.63
N MET C 21 21.99 7.52 -1.15
CA MET C 21 23.20 8.07 -0.57
C MET C 21 23.15 8.17 0.95
N ASN C 22 23.74 7.20 1.64
CA ASN C 22 23.77 7.26 3.10
C ASN C 22 24.95 8.13 3.51
N LYS C 23 25.36 8.08 4.77
CA LYS C 23 26.47 8.92 5.21
C LYS C 23 27.84 8.24 5.13
N VAL C 24 27.84 6.92 5.23
CA VAL C 24 29.07 6.17 5.15
C VAL C 24 29.64 6.26 3.74
N LYS C 25 28.79 6.04 2.73
CA LYS C 25 29.22 6.13 1.36
C LYS C 25 29.78 7.52 1.12
N ALA C 26 28.93 8.53 1.27
CA ALA C 26 29.33 9.92 1.05
C ALA C 26 30.65 10.26 1.73
N ARG C 27 30.75 9.93 3.01
CA ARG C 27 31.95 10.22 3.78
C ARG C 27 33.24 9.66 3.21
N VAL C 28 33.12 8.61 2.41
CA VAL C 28 34.28 7.97 1.82
C VAL C 28 34.64 8.58 0.46
N ILE C 29 33.69 9.29 -0.12
CA ILE C 29 33.90 9.94 -1.40
C ILE C 29 34.67 11.22 -1.15
N LEU C 30 34.27 11.92 -0.09
CA LEU C 30 34.87 13.20 0.28
C LEU C 30 36.21 13.11 0.99
N SER C 31 36.18 12.51 2.18
CA SER C 31 37.38 12.40 2.98
C SER C 31 38.25 11.29 2.50
N GLY C 32 37.90 10.08 2.93
CA GLY C 32 38.67 8.92 2.58
C GLY C 32 38.96 8.82 1.10
N LYS C 33 39.37 9.92 0.47
CA LYS C 33 39.70 9.95 -0.94
C LYS C 33 40.48 8.68 -1.31
N ALA C 34 39.88 7.53 -1.01
CA ALA C 34 40.48 6.24 -1.24
C ALA C 34 40.02 5.64 -2.57
N SER C 35 40.45 6.32 -3.62
CA SER C 35 40.18 6.00 -5.02
C SER C 35 40.40 7.33 -5.67
N ASN C 36 41.30 7.37 -6.64
CA ASN C 36 41.53 8.62 -7.32
C ASN C 36 40.43 8.73 -8.35
N ASN C 37 40.47 9.76 -9.18
CA ASN C 37 39.40 9.96 -10.14
C ASN C 37 38.36 10.21 -9.07
N PRO C 38 38.37 11.40 -8.50
CA PRO C 38 37.37 11.64 -7.48
C PRO C 38 36.28 12.31 -8.27
N PRO C 39 35.27 12.82 -7.60
CA PRO C 39 34.23 13.47 -8.38
C PRO C 39 34.61 14.70 -9.21
N PHE C 40 33.74 15.05 -10.16
CA PHE C 40 33.97 16.21 -11.02
C PHE C 40 33.61 17.44 -10.19
N VAL C 41 34.58 18.34 -10.00
CA VAL C 41 34.33 19.54 -9.20
C VAL C 41 33.70 20.67 -9.99
N ILE C 42 32.59 21.19 -9.47
CA ILE C 42 31.87 22.30 -10.10
C ILE C 42 32.17 23.59 -9.34
N HIS C 43 33.09 24.41 -9.87
CA HIS C 43 33.47 25.65 -9.18
C HIS C 43 33.32 26.96 -9.98
N ASP C 44 33.06 26.87 -11.26
CA ASP C 44 32.90 28.06 -12.10
C ASP C 44 31.88 27.79 -13.19
N MET C 45 31.26 28.83 -13.75
CA MET C 45 30.24 28.64 -14.79
C MET C 45 30.61 27.75 -15.97
N GLU C 46 31.89 27.56 -16.22
CA GLU C 46 32.28 26.69 -17.33
C GLU C 46 31.95 25.29 -16.88
N THR C 47 32.71 24.81 -15.88
CA THR C 47 32.52 23.48 -15.31
C THR C 47 31.05 23.26 -15.02
N LEU C 48 30.41 24.28 -14.48
CA LEU C 48 28.99 24.23 -14.14
C LEU C 48 28.17 23.85 -15.37
N CYS C 49 28.68 24.21 -16.54
CA CYS C 49 28.01 23.89 -17.80
C CYS C 49 28.32 22.45 -18.17
N MET C 50 29.60 22.14 -18.30
CA MET C 50 30.03 20.79 -18.65
C MET C 50 29.24 19.76 -17.83
N ALA C 51 28.69 20.17 -16.69
CA ALA C 51 27.93 19.29 -15.80
C ALA C 51 26.49 19.01 -16.20
N GLU C 52 25.55 19.81 -15.71
CA GLU C 52 24.13 19.58 -16.05
C GLU C 52 23.87 19.39 -17.53
N LYS C 53 24.88 19.69 -18.33
CA LYS C 53 24.82 19.52 -19.77
C LYS C 53 24.73 18.03 -20.03
N THR C 54 25.65 17.26 -19.46
CA THR C 54 25.65 15.80 -19.61
C THR C 54 24.52 15.19 -18.80
N LEU C 55 24.06 15.92 -17.79
CA LEU C 55 22.98 15.45 -16.95
C LEU C 55 21.79 15.24 -17.85
N VAL C 56 21.13 16.32 -18.23
CA VAL C 56 19.98 16.20 -19.12
C VAL C 56 20.55 15.74 -20.45
N ALA C 57 20.37 14.47 -20.78
CA ALA C 57 20.86 13.98 -22.06
C ALA C 57 19.82 14.43 -23.11
N LYS C 58 19.72 15.75 -23.30
CA LYS C 58 18.77 16.33 -24.26
C LYS C 58 18.81 17.87 -24.37
N LEU C 59 19.69 18.54 -23.62
CA LEU C 59 19.74 20.00 -23.67
C LEU C 59 20.66 20.64 -24.71
N VAL C 60 21.72 19.96 -25.13
CA VAL C 60 22.60 20.52 -26.13
C VAL C 60 21.78 20.63 -27.42
N ALA C 61 20.88 19.67 -27.61
CA ALA C 61 20.00 19.62 -28.78
C ALA C 61 18.69 20.36 -28.49
N ASN C 62 18.81 21.53 -27.88
CA ASN C 62 17.65 22.36 -27.54
C ASN C 62 17.94 23.85 -27.69
N GLY C 63 18.93 24.33 -26.93
CA GLY C 63 19.28 25.74 -26.96
C GLY C 63 19.58 26.17 -25.55
N ILE C 64 19.95 25.17 -24.74
CA ILE C 64 20.28 25.36 -23.33
C ILE C 64 21.76 25.04 -23.13
N GLN C 65 22.62 26.00 -23.47
CA GLN C 65 24.08 25.85 -23.35
C GLN C 65 24.61 26.88 -22.37
N ASN C 66 23.73 27.79 -21.98
CA ASN C 66 24.08 28.84 -21.06
C ASN C 66 22.89 29.76 -20.95
N LYS C 67 22.46 29.95 -19.73
CA LYS C 67 21.37 30.85 -19.44
C LYS C 67 21.91 31.21 -18.08
N GLU C 68 21.48 32.33 -17.54
CA GLU C 68 21.92 32.74 -16.22
C GLU C 68 22.06 31.39 -15.53
N ALA C 69 23.26 31.07 -15.06
CA ALA C 69 23.51 29.77 -14.43
C ALA C 69 22.45 29.34 -13.42
N GLU C 70 22.30 30.12 -12.36
CA GLU C 70 21.35 29.86 -11.28
C GLU C 70 19.96 29.35 -11.67
N VAL C 71 19.70 29.24 -12.96
CA VAL C 71 18.44 28.72 -13.48
C VAL C 71 18.74 27.23 -13.67
N ARG C 72 19.94 26.98 -14.17
CA ARG C 72 20.45 25.63 -14.41
C ARG C 72 20.67 24.91 -13.06
N ILE C 73 21.13 25.65 -12.07
CA ILE C 73 21.38 25.11 -10.73
C ILE C 73 20.16 25.28 -9.82
N PHE C 74 18.98 25.19 -10.41
CA PHE C 74 17.74 25.29 -9.66
C PHE C 74 16.73 24.46 -10.42
N HIS C 75 17.19 23.84 -11.49
CA HIS C 75 16.35 22.96 -12.29
C HIS C 75 17.03 21.61 -12.25
N CYS C 76 18.32 21.62 -11.91
CA CYS C 76 19.12 20.40 -11.79
C CYS C 76 19.45 20.22 -10.31
N CYS C 77 18.77 21.02 -9.50
CA CYS C 77 18.89 20.97 -8.05
C CYS C 77 17.54 20.38 -7.70
N GLN C 78 16.70 20.28 -8.74
CA GLN C 78 15.34 19.74 -8.65
C GLN C 78 15.34 18.34 -9.28
N CYS C 79 16.43 18.02 -9.99
CA CYS C 79 16.62 16.70 -10.58
C CYS C 79 17.24 15.98 -9.38
N THR C 80 17.22 16.69 -8.26
CA THR C 80 17.75 16.23 -6.99
C THR C 80 16.79 16.70 -5.90
N SER C 81 15.50 16.50 -6.13
CA SER C 81 14.48 16.90 -5.16
C SER C 81 13.34 15.91 -5.25
N VAL C 82 12.46 16.10 -6.23
CA VAL C 82 11.34 15.20 -6.44
C VAL C 82 11.84 13.77 -6.33
N GLU C 83 13.15 13.61 -6.45
CA GLU C 83 13.78 12.30 -6.33
C GLU C 83 13.96 11.98 -4.84
N THR C 84 14.59 12.88 -4.11
CA THR C 84 14.82 12.71 -2.68
C THR C 84 13.52 12.70 -1.87
N VAL C 85 12.44 13.23 -2.45
CA VAL C 85 11.13 13.28 -1.78
C VAL C 85 10.39 11.95 -1.90
N THR C 86 10.80 11.13 -2.84
CA THR C 86 10.17 9.84 -3.04
C THR C 86 10.84 8.84 -2.13
N GLU C 87 12.15 8.98 -1.98
CA GLU C 87 12.91 8.10 -1.11
C GLU C 87 12.34 8.27 0.28
N LEU C 88 12.15 9.53 0.66
CA LEU C 88 11.62 9.87 1.97
C LEU C 88 10.22 9.32 2.25
N THR C 89 9.41 9.18 1.21
CA THR C 89 8.06 8.66 1.38
C THR C 89 8.09 7.15 1.53
N GLU C 90 9.03 6.53 0.83
CA GLU C 90 9.20 5.08 0.88
C GLU C 90 9.77 4.71 2.24
N PHE C 91 10.65 5.57 2.75
CA PHE C 91 11.28 5.37 4.04
C PHE C 91 10.26 5.48 5.16
N ALA C 92 9.29 6.38 4.99
CA ALA C 92 8.26 6.57 5.99
C ALA C 92 7.27 5.41 5.92
N LYS C 93 6.83 5.07 4.72
CA LYS C 93 5.88 3.97 4.59
C LYS C 93 6.46 2.74 5.29
N ALA C 94 7.76 2.78 5.53
CA ALA C 94 8.44 1.69 6.20
C ALA C 94 8.37 1.87 7.72
N ILE C 95 8.71 3.05 8.23
CA ILE C 95 8.66 3.28 9.66
C ILE C 95 7.47 2.58 10.26
N PRO C 96 7.69 1.68 11.21
CA PRO C 96 6.61 0.94 11.85
C PRO C 96 5.42 1.80 12.23
N GLY C 97 4.24 1.37 11.81
CA GLY C 97 3.02 2.08 12.13
C GLY C 97 2.62 3.15 11.14
N PHE C 98 3.56 3.59 10.31
CA PHE C 98 3.28 4.64 9.34
C PHE C 98 2.26 4.25 8.26
N ALA C 99 2.11 2.95 7.97
CA ALA C 99 1.14 2.56 6.95
C ALA C 99 -0.27 2.43 7.51
N ASN C 100 -0.50 3.02 8.68
CA ASN C 100 -1.80 2.95 9.31
C ASN C 100 -2.51 4.24 9.15
N LEU C 101 -1.82 5.27 9.63
CA LEU C 101 -2.32 6.62 9.63
C LEU C 101 -3.27 6.80 8.50
N ASP C 102 -4.28 7.62 8.76
CA ASP C 102 -5.24 7.87 7.75
C ASP C 102 -4.44 8.38 6.57
N LEU C 103 -4.66 7.75 5.42
CA LEU C 103 -3.93 8.11 4.23
C LEU C 103 -3.68 9.60 4.18
N ASN C 104 -4.62 10.39 4.68
CA ASN C 104 -4.43 11.83 4.64
C ASN C 104 -3.48 12.35 5.72
N ASP C 105 -3.49 11.74 6.90
CA ASP C 105 -2.59 12.17 7.96
C ASP C 105 -1.16 11.95 7.48
N GLN C 106 -0.98 10.95 6.61
CA GLN C 106 0.34 10.68 6.07
C GLN C 106 0.79 11.88 5.26
N VAL C 107 0.14 12.10 4.12
CA VAL C 107 0.46 13.22 3.23
C VAL C 107 0.80 14.50 3.98
N THR C 108 0.14 14.71 5.11
CA THR C 108 0.35 15.90 5.93
C THR C 108 1.69 15.83 6.67
N LEU C 109 1.98 14.68 7.25
CA LEU C 109 3.21 14.48 7.98
C LEU C 109 4.43 14.62 7.07
N LEU C 110 4.35 13.99 5.91
CA LEU C 110 5.44 13.99 4.93
C LEU C 110 5.62 15.27 4.14
N LYS C 111 4.64 16.16 4.13
CA LYS C 111 4.78 17.40 3.37
C LYS C 111 5.27 18.58 4.22
N TYR C 112 5.11 18.46 5.54
CA TYR C 112 5.57 19.51 6.43
C TYR C 112 7.01 19.29 6.82
N GLY C 113 7.27 18.15 7.43
CA GLY C 113 8.62 17.85 7.85
C GLY C 113 9.42 17.08 6.82
N VAL C 114 9.33 17.46 5.56
CA VAL C 114 10.10 16.75 4.54
C VAL C 114 11.36 17.54 4.26
N TYR C 115 11.29 18.85 4.50
CA TYR C 115 12.43 19.70 4.24
C TYR C 115 13.43 19.65 5.38
N GLU C 116 12.94 19.39 6.58
CA GLU C 116 13.81 19.33 7.75
C GLU C 116 14.66 18.08 7.58
N ALA C 117 14.03 17.02 7.07
CA ALA C 117 14.73 15.76 6.86
C ALA C 117 15.70 15.81 5.69
N ILE C 118 15.53 16.81 4.83
CA ILE C 118 16.42 16.95 3.67
C ILE C 118 17.64 17.76 4.04
N PHE C 119 17.45 18.73 4.92
CA PHE C 119 18.57 19.57 5.35
C PHE C 119 19.31 18.90 6.48
N ALA C 120 18.73 17.82 7.00
CA ALA C 120 19.36 17.03 8.06
C ALA C 120 20.32 16.10 7.34
N MET C 121 19.74 15.26 6.49
CA MET C 121 20.52 14.32 5.72
C MET C 121 21.40 15.04 4.71
N LEU C 122 21.06 16.28 4.39
CA LEU C 122 21.84 17.03 3.42
C LEU C 122 23.24 17.30 3.94
N SER C 123 23.43 17.09 5.23
CA SER C 123 24.73 17.34 5.85
C SER C 123 25.69 16.17 5.65
N SER C 124 25.15 14.97 5.45
CA SER C 124 25.97 13.77 5.27
C SER C 124 26.79 13.84 4.00
N VAL C 125 26.54 14.87 3.19
CA VAL C 125 27.24 15.05 1.92
C VAL C 125 27.96 16.38 1.77
N MET C 126 28.19 17.07 2.89
CA MET C 126 28.87 18.34 2.88
C MET C 126 30.07 18.35 3.83
N ASN C 127 30.96 19.31 3.60
CA ASN C 127 32.11 19.53 4.47
C ASN C 127 32.29 21.04 4.43
N LYS C 128 33.40 21.53 4.94
CA LYS C 128 33.62 22.98 4.98
C LYS C 128 33.87 23.63 3.63
N ASP C 129 34.11 22.83 2.59
CA ASP C 129 34.39 23.39 1.28
C ASP C 129 33.32 23.20 0.21
N GLY C 130 32.44 22.22 0.39
CA GLY C 130 31.40 22.00 -0.60
C GLY C 130 30.61 20.73 -0.37
N MET C 131 29.56 20.51 -1.17
CA MET C 131 28.70 19.34 -1.02
C MET C 131 28.66 18.42 -2.24
N LEU C 132 28.48 17.13 -2.01
CA LEU C 132 28.39 16.14 -3.07
C LEU C 132 27.06 16.22 -3.80
N VAL C 133 27.13 16.31 -5.13
CA VAL C 133 25.93 16.40 -5.94
C VAL C 133 25.82 15.16 -6.86
N ALA C 134 24.63 14.97 -7.44
CA ALA C 134 24.36 13.84 -8.35
C ALA C 134 24.96 12.49 -8.00
N TYR C 135 24.39 11.84 -6.98
CA TYR C 135 24.81 10.51 -6.55
C TYR C 135 26.25 10.41 -6.14
N GLY C 136 26.88 11.56 -5.99
CA GLY C 136 28.27 11.57 -5.57
C GLY C 136 29.31 11.55 -6.66
N ASN C 137 28.92 11.83 -7.91
CA ASN C 137 29.90 11.84 -8.99
C ASN C 137 30.43 13.25 -9.11
N GLY C 138 29.64 14.21 -8.65
CA GLY C 138 30.05 15.59 -8.71
C GLY C 138 30.18 16.16 -7.32
N PHE C 139 30.93 17.25 -7.20
CA PHE C 139 31.15 17.93 -5.93
C PHE C 139 31.18 19.42 -6.18
N ILE C 140 30.04 20.08 -6.02
CA ILE C 140 29.97 21.51 -6.26
C ILE C 140 30.55 22.21 -5.05
N THR C 141 31.45 23.16 -5.29
CA THR C 141 32.11 23.87 -4.19
C THR C 141 31.19 24.85 -3.47
N ARG C 142 31.48 25.04 -2.19
CA ARG C 142 30.72 25.94 -1.33
C ARG C 142 30.97 27.39 -1.75
N GLU C 143 32.24 27.68 -2.05
CA GLU C 143 32.61 29.02 -2.49
C GLU C 143 31.71 29.48 -3.61
N PHE C 144 31.90 28.85 -4.76
CA PHE C 144 31.16 29.14 -5.97
C PHE C 144 29.64 29.34 -5.82
N LEU C 145 29.08 28.99 -4.67
CA LEU C 145 27.65 29.17 -4.48
C LEU C 145 27.34 30.49 -3.77
N LYS C 146 28.18 30.83 -2.78
CA LYS C 146 28.01 32.07 -2.02
C LYS C 146 28.44 33.24 -2.89
N SER C 147 28.93 32.92 -4.10
CA SER C 147 29.36 33.93 -5.05
C SER C 147 28.49 33.80 -6.30
N LEU C 148 27.25 34.26 -6.18
CA LEU C 148 26.27 34.24 -7.26
C LEU C 148 25.32 35.44 -7.11
N ARG C 149 24.53 35.70 -8.15
CA ARG C 149 23.59 36.81 -8.13
C ARG C 149 22.57 36.72 -7.01
N LYS C 150 22.62 37.69 -6.10
CA LYS C 150 21.71 37.76 -4.96
C LYS C 150 20.27 37.51 -5.38
N PRO C 151 19.45 36.96 -4.46
CA PRO C 151 19.89 36.60 -3.11
C PRO C 151 20.15 35.10 -3.15
N PHE C 152 20.70 34.66 -4.27
CA PHE C 152 20.99 33.27 -4.54
C PHE C 152 22.18 32.70 -3.79
N CYS C 153 23.15 33.55 -3.51
CA CYS C 153 24.34 33.14 -2.79
C CYS C 153 24.03 33.14 -1.31
N ASP C 154 22.74 33.19 -0.98
CA ASP C 154 22.33 33.22 0.41
C ASP C 154 21.32 32.12 0.72
N ILE C 155 21.19 31.18 -0.22
CA ILE C 155 20.28 30.06 -0.05
C ILE C 155 21.02 28.89 0.60
N MET C 156 22.06 28.43 -0.07
CA MET C 156 22.85 27.30 0.39
C MET C 156 23.70 27.48 1.66
N GLU C 157 24.24 28.67 1.89
CA GLU C 157 25.08 28.87 3.07
C GLU C 157 24.44 28.57 4.42
N PRO C 158 23.20 29.04 4.67
CA PRO C 158 22.60 28.73 5.96
C PRO C 158 22.60 27.23 6.23
N LYS C 159 22.51 26.44 5.17
CA LYS C 159 22.51 24.99 5.29
C LYS C 159 23.93 24.46 5.50
N PHE C 160 24.91 25.21 5.03
CA PHE C 160 26.29 24.78 5.20
C PHE C 160 26.70 24.97 6.64
N ASP C 161 26.12 25.98 7.28
CA ASP C 161 26.46 26.23 8.66
C ASP C 161 25.86 25.16 9.59
N PHE C 162 24.57 24.91 9.44
CA PHE C 162 23.91 23.93 10.28
C PHE C 162 24.66 22.63 10.16
N ALA C 163 25.14 22.35 8.95
CA ALA C 163 25.87 21.13 8.68
C ALA C 163 27.17 21.02 9.49
N MET C 164 28.00 22.05 9.43
CA MET C 164 29.27 22.02 10.14
C MET C 164 29.16 21.67 11.62
N LYS C 165 28.04 22.04 12.22
CA LYS C 165 27.84 21.79 13.65
C LYS C 165 27.11 20.48 13.85
N PHE C 166 26.16 20.20 12.95
CA PHE C 166 25.40 18.96 13.06
C PHE C 166 26.38 17.80 12.93
N ASN C 167 27.37 17.97 12.06
CA ASN C 167 28.40 16.95 11.84
C ASN C 167 29.34 16.84 13.04
N ALA C 168 29.44 17.92 13.81
CA ALA C 168 30.28 17.94 15.01
C ALA C 168 29.73 16.91 16.01
N LEU C 169 28.43 16.67 15.95
CA LEU C 169 27.79 15.70 16.84
C LEU C 169 28.23 14.28 16.53
N GLU C 170 29.13 14.13 15.57
CA GLU C 170 29.64 12.80 15.22
C GLU C 170 28.55 11.75 15.03
N LEU C 171 27.37 12.14 14.56
CA LEU C 171 26.29 11.18 14.36
C LEU C 171 26.57 10.24 13.20
N ASP C 172 26.03 9.03 13.28
CA ASP C 172 26.20 8.06 12.20
C ASP C 172 24.83 7.66 11.66
N ASP C 173 24.80 6.92 10.56
CA ASP C 173 23.56 6.51 9.95
C ASP C 173 22.51 5.95 10.90
N SER C 174 22.94 5.18 11.88
CA SER C 174 22.00 4.58 12.84
C SER C 174 21.22 5.64 13.62
N ASP C 175 21.91 6.71 14.00
CA ASP C 175 21.28 7.75 14.77
C ASP C 175 20.35 8.61 13.93
N ILE C 176 20.80 8.98 12.73
CA ILE C 176 20.02 9.83 11.85
C ILE C 176 18.75 9.21 11.34
N SER C 177 18.75 7.90 11.13
CA SER C 177 17.53 7.25 10.67
C SER C 177 16.48 7.53 11.74
N LEU C 178 16.86 7.39 13.00
CA LEU C 178 15.97 7.64 14.13
C LEU C 178 15.69 9.13 14.29
N PHE C 179 16.61 9.97 13.83
CA PHE C 179 16.43 11.41 13.91
C PHE C 179 15.42 11.79 12.84
N VAL C 180 15.70 11.35 11.61
CA VAL C 180 14.82 11.62 10.48
C VAL C 180 13.46 10.97 10.68
N ALA C 181 13.42 9.87 11.43
CA ALA C 181 12.17 9.18 11.65
C ALA C 181 11.32 9.99 12.64
N ALA C 182 12.00 10.61 13.61
CA ALA C 182 11.32 11.40 14.63
C ALA C 182 10.89 12.80 14.20
N ILE C 183 11.57 13.38 13.20
CA ILE C 183 11.18 14.72 12.76
C ILE C 183 9.93 14.64 11.90
N ILE C 184 9.77 13.52 11.19
CA ILE C 184 8.61 13.33 10.33
C ILE C 184 7.35 13.07 11.16
N CYS C 185 7.38 12.02 11.97
CA CYS C 185 6.26 11.63 12.82
C CYS C 185 6.11 12.45 14.09
N CYS C 186 5.83 13.74 13.98
CA CYS C 186 5.63 14.57 15.17
C CYS C 186 4.13 14.85 15.30
N GLY C 187 3.63 14.84 16.53
CA GLY C 187 2.21 15.07 16.75
C GLY C 187 1.75 16.51 16.84
N ASP C 188 2.45 17.41 16.17
CA ASP C 188 2.07 18.82 16.19
C ASP C 188 2.06 19.48 14.82
N ARG C 189 1.89 18.69 13.76
CA ARG C 189 1.82 19.24 12.42
C ARG C 189 0.40 19.77 12.30
N PRO C 190 0.20 20.90 11.61
CA PRO C 190 -1.18 21.38 11.54
C PRO C 190 -2.10 20.59 10.60
N GLY C 191 -3.28 20.25 11.11
CA GLY C 191 -4.24 19.51 10.30
C GLY C 191 -4.17 18.01 10.45
N LEU C 192 -3.79 17.52 11.62
CA LEU C 192 -3.74 16.09 11.82
C LEU C 192 -5.02 15.67 12.51
N LEU C 193 -5.66 14.65 11.96
CA LEU C 193 -6.92 14.16 12.50
C LEU C 193 -6.71 13.29 13.72
N ASN C 194 -5.90 12.23 13.57
CA ASN C 194 -5.64 11.29 14.66
C ASN C 194 -4.43 11.71 15.48
N VAL C 195 -4.34 13.00 15.77
CA VAL C 195 -3.25 13.59 16.54
C VAL C 195 -2.79 12.76 17.75
N GLY C 196 -3.46 11.64 18.01
CA GLY C 196 -3.09 10.81 19.14
C GLY C 196 -2.05 9.74 18.84
N HIS C 197 -2.31 8.93 17.81
CA HIS C 197 -1.39 7.86 17.44
C HIS C 197 -0.08 8.50 16.97
N ILE C 198 -0.19 9.62 16.26
CA ILE C 198 0.99 10.30 15.75
C ILE C 198 1.85 10.78 16.90
N GLU C 199 1.20 11.19 17.98
CA GLU C 199 1.92 11.66 19.15
C GLU C 199 2.48 10.51 20.00
N LYS C 200 1.67 9.49 20.27
CA LYS C 200 2.16 8.36 21.07
C LYS C 200 3.08 7.48 20.25
N MET C 201 3.03 7.66 18.93
CA MET C 201 3.88 6.91 18.01
C MET C 201 5.23 7.58 18.07
N GLN C 202 5.22 8.91 18.01
CA GLN C 202 6.44 9.71 18.08
C GLN C 202 7.14 9.38 19.38
N GLU C 203 6.34 9.12 20.40
CA GLU C 203 6.84 8.78 21.72
C GLU C 203 7.79 7.57 21.60
N GLY C 204 7.36 6.57 20.84
CA GLY C 204 8.16 5.37 20.68
C GLY C 204 9.40 5.51 19.84
N ILE C 205 9.48 6.56 19.02
CA ILE C 205 10.64 6.77 18.18
C ILE C 205 11.61 7.64 18.93
N VAL C 206 11.04 8.54 19.73
CA VAL C 206 11.83 9.46 20.55
C VAL C 206 12.42 8.71 21.72
N HIS C 207 11.73 7.64 22.12
CA HIS C 207 12.19 6.82 23.23
C HIS C 207 13.41 6.05 22.76
N VAL C 208 13.24 5.38 21.63
CA VAL C 208 14.31 4.60 21.03
C VAL C 208 15.51 5.46 20.65
N LEU C 209 15.27 6.66 20.14
CA LEU C 209 16.39 7.54 19.80
C LEU C 209 17.22 7.70 21.06
N ARG C 210 16.64 8.41 22.02
CA ARG C 210 17.28 8.68 23.30
C ARG C 210 18.06 7.50 23.87
N LEU C 211 17.55 6.28 23.72
CA LEU C 211 18.24 5.12 24.27
C LEU C 211 19.33 4.51 23.42
N HIS C 212 19.20 4.62 22.10
CA HIS C 212 20.21 4.10 21.18
C HIS C 212 21.32 5.15 21.18
N LEU C 213 20.90 6.40 21.05
CA LEU C 213 21.78 7.54 21.03
C LEU C 213 22.53 7.62 22.36
N GLN C 214 21.94 7.04 23.38
CA GLN C 214 22.49 7.06 24.72
C GLN C 214 23.41 5.90 25.08
N SER C 215 23.67 5.02 24.13
CA SER C 215 24.56 3.90 24.41
C SER C 215 25.51 3.75 23.23
N ASN C 216 25.26 4.54 22.19
CA ASN C 216 26.08 4.51 20.99
C ASN C 216 27.00 5.71 21.04
N HIS C 217 26.65 6.64 21.91
CA HIS C 217 27.44 7.84 22.11
C HIS C 217 27.40 8.15 23.60
N PRO C 218 27.86 7.19 24.44
CA PRO C 218 27.88 7.30 25.91
C PRO C 218 28.74 8.42 26.51
N ASP C 219 29.69 8.95 25.75
CA ASP C 219 30.54 9.99 26.29
C ASP C 219 30.01 11.40 26.08
N ASP C 220 28.91 11.50 25.34
CA ASP C 220 28.23 12.77 25.09
C ASP C 220 26.90 12.49 25.76
N ILE C 221 26.84 12.78 27.06
CA ILE C 221 25.64 12.51 27.83
C ILE C 221 24.48 13.48 27.62
N PHE C 222 24.77 14.68 27.12
CA PHE C 222 23.74 15.67 26.82
C PHE C 222 23.58 15.77 25.31
N LEU C 223 23.73 14.61 24.64
CA LEU C 223 23.62 14.50 23.19
C LEU C 223 22.17 14.34 22.76
N PHE C 224 21.28 14.00 23.70
CA PHE C 224 19.88 13.87 23.35
C PHE C 224 19.24 15.26 23.35
N PRO C 225 19.34 15.98 24.48
CA PRO C 225 18.78 17.33 24.55
C PRO C 225 19.55 18.22 23.59
N LYS C 226 20.67 17.68 23.10
CA LYS C 226 21.51 18.38 22.17
C LYS C 226 20.85 18.29 20.80
N LEU C 227 20.25 17.13 20.51
CA LEU C 227 19.57 16.94 19.24
C LEU C 227 18.20 17.61 19.22
N LEU C 228 17.40 17.45 20.28
CA LEU C 228 16.07 18.07 20.31
C LEU C 228 16.19 19.56 20.00
N GLN C 229 17.41 20.09 20.13
CA GLN C 229 17.64 21.49 19.84
C GLN C 229 17.84 21.64 18.34
N LYS C 230 18.52 20.66 17.74
CA LYS C 230 18.79 20.62 16.30
C LYS C 230 17.48 20.47 15.54
N MET C 231 16.55 19.71 16.11
CA MET C 231 15.23 19.51 15.49
C MET C 231 14.47 20.82 15.47
N ALA C 232 14.79 21.72 16.39
CA ALA C 232 14.11 23.00 16.47
C ALA C 232 14.83 24.04 15.62
N ASP C 233 16.08 23.77 15.28
CA ASP C 233 16.85 24.70 14.46
C ASP C 233 16.50 24.45 13.00
N LEU C 234 15.97 23.26 12.72
CA LEU C 234 15.58 22.85 11.37
C LEU C 234 14.19 23.36 10.99
N ARG C 235 13.37 23.67 12.00
CA ARG C 235 12.04 24.18 11.74
C ARG C 235 12.19 25.65 11.44
N GLN C 236 13.30 26.19 11.90
CA GLN C 236 13.63 27.60 11.70
C GLN C 236 14.44 27.73 10.41
N LEU C 237 15.27 26.74 10.13
CA LEU C 237 16.10 26.75 8.93
C LEU C 237 15.20 26.65 7.71
N VAL C 238 14.13 25.88 7.84
CA VAL C 238 13.18 25.70 6.76
C VAL C 238 12.44 27.01 6.53
N THR C 239 11.93 27.58 7.62
CA THR C 239 11.21 28.84 7.60
C THR C 239 11.86 29.89 6.70
N GLU C 240 13.11 30.20 7.00
CA GLU C 240 13.86 31.19 6.25
C GLU C 240 14.10 30.78 4.81
N HIS C 241 14.38 29.50 4.59
CA HIS C 241 14.61 29.01 3.23
C HIS C 241 13.34 29.12 2.43
N ALA C 242 12.21 28.98 3.10
CA ALA C 242 10.91 29.08 2.45
C ALA C 242 10.63 30.56 2.19
N GLN C 243 11.07 31.39 3.14
CA GLN C 243 10.87 32.83 3.07
C GLN C 243 12.12 33.55 2.52
N LEU C 244 12.81 32.86 1.61
CA LEU C 244 14.02 33.36 0.95
C LEU C 244 14.00 32.79 -0.46
N VAL C 245 12.86 32.19 -0.80
CA VAL C 245 12.64 31.61 -2.11
C VAL C 245 11.38 32.31 -2.61
N GLN C 246 10.59 32.82 -1.66
CA GLN C 246 9.38 33.56 -1.99
C GLN C 246 9.90 34.94 -2.37
N ILE C 247 10.84 34.92 -3.31
CA ILE C 247 11.52 36.09 -3.87
C ILE C 247 12.01 35.55 -5.20
N ILE C 248 11.21 34.63 -5.73
CA ILE C 248 11.47 33.96 -7.00
C ILE C 248 10.12 33.41 -7.46
N LYS C 249 9.19 34.32 -7.70
CA LYS C 249 7.84 33.97 -8.15
C LYS C 249 7.30 35.17 -8.91
N LYS C 250 7.61 36.36 -8.39
CA LYS C 250 7.22 37.61 -9.01
C LYS C 250 8.48 38.48 -9.14
N THR C 251 9.59 37.99 -8.59
CA THR C 251 10.90 38.68 -8.63
C THR C 251 11.88 37.96 -9.57
N GLU C 252 11.33 36.97 -10.25
CA GLU C 252 11.96 36.12 -11.24
C GLU C 252 10.63 35.43 -11.50
N SER C 253 10.44 34.92 -12.69
CA SER C 253 9.19 34.27 -13.03
C SER C 253 9.60 33.62 -14.31
N ASP C 254 10.72 32.92 -14.21
CA ASP C 254 11.26 32.18 -15.31
C ASP C 254 11.33 30.82 -14.64
N ALA C 255 12.36 30.60 -13.81
CA ALA C 255 12.44 29.32 -13.11
C ALA C 255 11.31 29.26 -12.07
N ALA C 256 10.57 28.17 -12.12
CA ALA C 256 9.46 27.89 -11.23
C ALA C 256 8.99 26.52 -11.68
N LEU C 257 7.92 25.99 -11.10
CA LEU C 257 7.42 24.72 -11.58
C LEU C 257 6.69 25.32 -12.75
N HIS C 258 6.34 24.50 -13.73
CA HIS C 258 5.71 25.06 -14.91
C HIS C 258 4.65 24.04 -15.26
N PRO C 259 3.99 24.21 -16.41
CA PRO C 259 3.00 23.19 -16.72
C PRO C 259 3.82 22.40 -17.75
N LEU C 260 5.15 22.46 -17.60
CA LEU C 260 6.11 21.76 -18.46
C LEU C 260 6.03 20.32 -18.07
N LEU C 261 5.23 20.08 -17.03
CA LEU C 261 5.01 18.76 -16.54
C LEU C 261 3.68 18.32 -17.11
N GLN C 262 3.37 18.80 -18.30
CA GLN C 262 2.18 18.30 -18.95
C GLN C 262 3.01 17.29 -19.72
N GLU C 263 4.22 17.71 -20.06
CA GLU C 263 5.18 16.87 -20.75
C GLU C 263 6.17 16.46 -19.67
N ILE C 264 6.93 15.38 -19.89
CA ILE C 264 7.89 14.94 -18.90
C ILE C 264 7.17 14.48 -17.63
N TYR C 265 5.84 14.31 -17.72
CA TYR C 265 5.04 13.92 -16.56
C TYR C 265 3.76 13.13 -16.79
N ARG C 266 3.11 13.41 -17.92
CA ARG C 266 1.90 12.71 -18.26
C ARG C 266 2.47 11.51 -19.01
N ASP C 267 1.73 10.41 -19.05
CA ASP C 267 2.20 9.23 -19.76
C ASP C 267 3.69 8.93 -19.51
N MET C 268 4.22 9.44 -18.40
CA MET C 268 5.62 9.23 -18.05
C MET C 268 5.68 8.13 -16.97
N TYR C 269 4.86 7.09 -17.15
CA TYR C 269 4.75 5.93 -16.24
C TYR C 269 3.47 5.13 -16.48
N THR D 1 18.20 -1.63 -7.07
CA THR D 1 16.95 -2.22 -6.51
C THR D 1 15.73 -1.67 -7.25
N ALA D 2 15.95 -0.56 -7.95
CA ALA D 2 14.92 0.16 -8.71
C ALA D 2 14.41 -0.58 -9.95
N ASP D 3 15.26 -0.71 -10.96
CA ASP D 3 14.87 -1.42 -12.17
C ASP D 3 15.47 -2.81 -12.10
N LEU D 4 16.01 -3.12 -10.93
CA LEU D 4 16.64 -4.39 -10.67
C LEU D 4 15.70 -5.36 -9.96
N LYS D 5 14.55 -4.86 -9.50
CA LYS D 5 13.58 -5.72 -8.82
C LYS D 5 12.71 -6.39 -9.89
N SER D 6 12.46 -5.62 -10.94
CA SER D 6 11.66 -6.04 -12.07
C SER D 6 12.50 -6.86 -13.04
N LEU D 7 13.81 -6.89 -12.81
CA LEU D 7 14.73 -7.59 -13.67
C LEU D 7 14.53 -9.10 -13.76
N ALA D 8 14.49 -9.79 -12.63
CA ALA D 8 14.32 -11.24 -12.63
C ALA D 8 12.95 -11.64 -13.13
N LYS D 9 11.93 -10.89 -12.72
CA LYS D 9 10.59 -11.20 -13.19
C LYS D 9 10.56 -11.05 -14.68
N ARG D 10 11.17 -9.98 -15.18
CA ARG D 10 11.22 -9.72 -16.61
C ARG D 10 11.94 -10.81 -17.38
N ILE D 11 13.14 -11.16 -16.91
CA ILE D 11 13.93 -12.21 -17.57
C ILE D 11 13.20 -13.53 -17.59
N TYR D 12 12.62 -13.90 -16.46
CA TYR D 12 11.91 -15.17 -16.32
C TYR D 12 10.74 -15.27 -17.27
N GLU D 13 9.90 -14.25 -17.29
CA GLU D 13 8.76 -14.25 -18.18
C GLU D 13 9.24 -14.50 -19.61
N ALA D 14 10.39 -13.93 -19.94
CA ALA D 14 10.96 -14.06 -21.28
C ALA D 14 11.41 -15.47 -21.64
N TYR D 15 11.69 -16.27 -20.63
CA TYR D 15 12.13 -17.65 -20.81
C TYR D 15 10.89 -18.50 -21.10
N LEU D 16 9.82 -18.21 -20.38
CA LEU D 16 8.55 -18.91 -20.52
C LEU D 16 7.92 -18.66 -21.90
N LYS D 17 8.06 -17.42 -22.36
CA LYS D 17 7.52 -17.01 -23.64
C LYS D 17 8.28 -17.50 -24.85
N ASN D 18 9.60 -17.62 -24.74
CA ASN D 18 10.40 -18.02 -25.87
C ASN D 18 10.88 -19.46 -26.01
N PHE D 19 10.94 -20.21 -24.92
CA PHE D 19 11.39 -21.59 -25.03
C PHE D 19 10.24 -22.57 -24.99
N ASN D 20 10.08 -23.33 -26.06
CA ASN D 20 8.99 -24.30 -26.16
C ASN D 20 9.04 -25.25 -25.00
N MET D 21 10.19 -25.92 -24.87
CA MET D 21 10.41 -26.89 -23.82
C MET D 21 11.14 -26.19 -22.68
N ASN D 22 10.71 -26.45 -21.45
CA ASN D 22 11.38 -25.88 -20.28
C ASN D 22 11.53 -27.03 -19.28
N LYS D 23 12.09 -26.79 -18.09
CA LYS D 23 12.27 -27.91 -17.16
C LYS D 23 10.97 -28.54 -16.69
N VAL D 24 10.06 -27.74 -16.16
CA VAL D 24 8.79 -28.27 -15.67
C VAL D 24 8.19 -29.26 -16.65
N LYS D 25 7.67 -28.74 -17.75
CA LYS D 25 7.07 -29.55 -18.81
C LYS D 25 7.86 -30.80 -19.14
N ALA D 26 9.18 -30.67 -19.24
CA ALA D 26 10.06 -31.79 -19.57
C ALA D 26 9.99 -32.83 -18.47
N ARG D 27 9.90 -32.37 -17.23
CA ARG D 27 9.82 -33.23 -16.07
C ARG D 27 8.45 -33.82 -15.83
N VAL D 28 7.45 -33.33 -16.54
CA VAL D 28 6.09 -33.84 -16.41
C VAL D 28 5.91 -34.97 -17.42
N ILE D 29 6.63 -34.87 -18.52
CA ILE D 29 6.58 -35.87 -19.57
C ILE D 29 7.39 -37.08 -19.16
N LEU D 30 8.62 -36.85 -18.72
CA LEU D 30 9.49 -37.94 -18.30
C LEU D 30 8.88 -38.65 -17.12
N SER D 31 9.04 -38.03 -15.96
CA SER D 31 8.54 -38.55 -14.70
C SER D 31 7.03 -38.39 -14.61
N GLY D 32 6.59 -37.17 -14.34
CA GLY D 32 5.18 -36.86 -14.22
C GLY D 32 4.12 -37.81 -14.76
N LYS D 33 4.33 -38.37 -15.95
CA LYS D 33 3.35 -39.26 -16.56
C LYS D 33 1.98 -38.66 -16.27
N ALA D 34 1.69 -37.52 -16.89
CA ALA D 34 0.43 -36.82 -16.70
C ALA D 34 -0.67 -37.51 -17.48
N SER D 35 -0.62 -37.36 -18.81
CA SER D 35 -1.59 -38.03 -19.66
C SER D 35 -0.79 -39.27 -20.04
N ASN D 36 -1.44 -40.35 -20.42
CA ASN D 36 -0.68 -41.53 -20.76
C ASN D 36 -0.65 -41.89 -22.23
N ASN D 37 0.26 -41.25 -22.95
CA ASN D 37 0.46 -41.47 -24.36
C ASN D 37 1.87 -40.94 -24.28
N PRO D 38 2.79 -41.78 -23.81
CA PRO D 38 4.19 -41.43 -23.64
C PRO D 38 4.93 -41.16 -24.93
N PRO D 39 6.21 -40.77 -24.82
CA PRO D 39 7.03 -40.47 -25.99
C PRO D 39 7.50 -41.70 -26.76
N PHE D 40 7.45 -41.63 -28.08
CA PHE D 40 7.88 -42.74 -28.92
C PHE D 40 9.34 -42.95 -28.54
N VAL D 41 9.73 -44.19 -28.27
CA VAL D 41 11.10 -44.48 -27.88
C VAL D 41 12.06 -44.95 -28.96
N ILE D 42 13.18 -44.27 -29.09
CA ILE D 42 14.21 -44.58 -30.07
C ILE D 42 15.33 -45.27 -29.33
N HIS D 43 15.60 -46.54 -29.66
CA HIS D 43 16.66 -47.28 -28.98
C HIS D 43 17.49 -48.13 -29.92
N ASP D 44 16.96 -48.41 -31.11
CA ASP D 44 17.68 -49.21 -32.08
C ASP D 44 17.63 -48.62 -33.48
N MET D 45 18.55 -49.07 -34.31
CA MET D 45 18.67 -48.61 -35.69
C MET D 45 17.36 -48.50 -36.43
N GLU D 46 16.43 -49.41 -36.13
CA GLU D 46 15.12 -49.41 -36.77
C GLU D 46 14.22 -48.28 -36.25
N THR D 47 13.98 -48.27 -34.95
CA THR D 47 13.13 -47.25 -34.34
C THR D 47 13.65 -45.88 -34.76
N LEU D 48 14.95 -45.80 -35.03
CA LEU D 48 15.54 -44.54 -35.45
C LEU D 48 15.11 -44.21 -36.87
N CYS D 49 14.87 -45.24 -37.69
CA CYS D 49 14.47 -45.03 -39.08
C CYS D 49 13.04 -44.53 -39.17
N MET D 50 12.17 -45.01 -38.28
CA MET D 50 10.79 -44.55 -38.28
C MET D 50 10.82 -43.15 -37.69
N ALA D 51 11.43 -43.03 -36.51
CA ALA D 51 11.53 -41.76 -35.82
C ALA D 51 11.69 -40.60 -36.79
N GLU D 52 12.85 -40.51 -37.44
CA GLU D 52 13.07 -39.40 -38.37
C GLU D 52 12.43 -39.55 -39.74
N LYS D 53 12.14 -40.77 -40.18
CA LYS D 53 11.50 -40.94 -41.48
C LYS D 53 10.17 -40.20 -41.50
N THR D 54 9.51 -40.17 -40.35
CA THR D 54 8.22 -39.50 -40.21
C THR D 54 8.47 -38.10 -39.70
N LEU D 55 9.75 -37.76 -39.54
CA LEU D 55 10.12 -36.44 -39.05
C LEU D 55 10.08 -35.39 -40.16
N VAL D 56 10.89 -35.59 -41.18
CA VAL D 56 10.90 -34.66 -42.30
C VAL D 56 9.80 -35.09 -43.26
N ALA D 57 8.76 -34.28 -43.40
CA ALA D 57 7.68 -34.63 -44.31
C ALA D 57 8.16 -34.51 -45.76
N LYS D 58 9.22 -35.27 -46.09
CA LYS D 58 9.84 -35.28 -47.42
C LYS D 58 10.81 -36.47 -47.61
N LEU D 59 11.11 -37.17 -46.51
CA LEU D 59 12.05 -38.29 -46.55
C LEU D 59 11.56 -39.51 -47.31
N VAL D 60 10.24 -39.67 -47.41
CA VAL D 60 9.64 -40.82 -48.09
C VAL D 60 9.62 -40.73 -49.63
N ALA D 61 10.81 -40.59 -50.23
CA ALA D 61 10.96 -40.52 -51.68
C ALA D 61 12.34 -40.06 -52.14
N ASN D 62 12.92 -39.11 -51.41
CA ASN D 62 14.22 -38.55 -51.79
C ASN D 62 15.50 -39.37 -51.60
N GLY D 63 15.43 -40.50 -50.89
CA GLY D 63 16.61 -41.34 -50.71
C GLY D 63 17.35 -41.23 -49.40
N ILE D 64 16.76 -40.49 -48.47
CA ILE D 64 17.35 -40.27 -47.15
C ILE D 64 16.84 -41.27 -46.12
N GLN D 65 16.33 -42.41 -46.58
CA GLN D 65 15.82 -43.42 -45.65
C GLN D 65 16.94 -44.36 -45.19
N ASN D 66 18.05 -44.37 -45.94
CA ASN D 66 19.18 -45.24 -45.60
C ASN D 66 20.55 -44.69 -46.00
N LYS D 67 21.08 -43.78 -45.18
CA LYS D 67 22.40 -43.18 -45.41
C LYS D 67 23.18 -43.31 -44.10
N GLU D 68 23.52 -44.55 -43.73
CA GLU D 68 24.22 -44.87 -42.49
C GLU D 68 23.59 -44.12 -41.31
N ALA D 69 22.56 -44.73 -40.73
CA ALA D 69 21.83 -44.13 -39.62
C ALA D 69 22.58 -43.93 -38.30
N GLU D 70 23.59 -43.05 -38.33
CA GLU D 70 24.38 -42.69 -37.15
C GLU D 70 25.13 -41.47 -37.66
N VAL D 71 25.09 -41.32 -38.98
CA VAL D 71 25.69 -40.22 -39.69
C VAL D 71 24.51 -39.35 -40.14
N ARG D 72 23.32 -39.69 -39.63
CA ARG D 72 22.09 -38.97 -39.96
C ARG D 72 21.47 -38.22 -38.78
N ILE D 73 21.74 -38.69 -37.57
CA ILE D 73 21.22 -38.05 -36.38
C ILE D 73 21.85 -36.68 -36.31
N PHE D 74 22.68 -36.36 -37.30
CA PHE D 74 23.34 -35.07 -37.36
C PHE D 74 22.37 -34.17 -38.13
N HIS D 75 21.75 -34.75 -39.16
CA HIS D 75 20.77 -34.04 -39.98
C HIS D 75 19.67 -33.66 -38.99
N CYS D 76 18.86 -34.63 -38.62
CA CYS D 76 17.78 -34.44 -37.68
C CYS D 76 18.23 -33.59 -36.47
N CYS D 77 19.51 -33.65 -36.12
CA CYS D 77 20.06 -32.88 -35.00
C CYS D 77 20.38 -31.46 -35.46
N GLN D 78 20.12 -31.20 -36.74
CA GLN D 78 20.37 -29.91 -37.39
C GLN D 78 19.29 -28.85 -37.15
N CYS D 79 18.08 -29.17 -37.61
CA CYS D 79 16.94 -28.28 -37.45
C CYS D 79 16.84 -27.86 -35.99
N THR D 80 16.82 -28.86 -35.12
CA THR D 80 16.73 -28.71 -33.67
C THR D 80 17.64 -27.61 -33.11
N SER D 81 18.67 -27.24 -33.86
CA SER D 81 19.60 -26.19 -33.45
C SER D 81 19.11 -24.84 -33.99
N VAL D 82 18.92 -24.77 -35.30
CA VAL D 82 18.43 -23.55 -35.91
C VAL D 82 17.21 -23.08 -35.14
N GLU D 83 16.37 -24.04 -34.74
CA GLU D 83 15.16 -23.74 -33.97
C GLU D 83 15.53 -23.11 -32.64
N THR D 84 16.52 -23.70 -31.97
CA THR D 84 16.97 -23.22 -30.66
C THR D 84 17.77 -21.93 -30.71
N VAL D 85 18.56 -21.76 -31.76
CA VAL D 85 19.35 -20.54 -31.84
C VAL D 85 18.39 -19.40 -31.92
N THR D 86 17.25 -19.66 -32.54
CA THR D 86 16.25 -18.65 -32.70
C THR D 86 15.54 -18.37 -31.39
N GLU D 87 15.25 -19.43 -30.62
CA GLU D 87 14.60 -19.26 -29.32
C GLU D 87 15.50 -18.40 -28.46
N LEU D 88 16.79 -18.73 -28.50
CA LEU D 88 17.82 -18.05 -27.74
C LEU D 88 17.99 -16.61 -28.17
N THR D 89 17.98 -16.38 -29.47
CA THR D 89 18.12 -15.02 -29.95
C THR D 89 16.91 -14.21 -29.50
N GLU D 90 15.72 -14.77 -29.66
CA GLU D 90 14.51 -14.08 -29.23
C GLU D 90 14.53 -13.85 -27.71
N PHE D 91 14.96 -14.87 -26.97
CA PHE D 91 15.05 -14.77 -25.51
C PHE D 91 16.05 -13.69 -25.12
N ALA D 92 17.17 -13.61 -25.84
CA ALA D 92 18.21 -12.62 -25.58
C ALA D 92 17.63 -11.25 -25.81
N LYS D 93 16.87 -11.13 -26.90
CA LYS D 93 16.24 -9.86 -27.23
C LYS D 93 15.47 -9.28 -26.05
N ALA D 94 14.81 -10.15 -25.29
CA ALA D 94 14.02 -9.70 -24.16
C ALA D 94 14.80 -9.38 -22.89
N ILE D 95 16.08 -9.76 -22.84
CA ILE D 95 16.87 -9.45 -21.64
C ILE D 95 16.97 -7.93 -21.55
N PRO D 96 16.37 -7.34 -20.51
CA PRO D 96 16.31 -5.92 -20.20
C PRO D 96 17.60 -5.13 -20.35
N GLY D 97 18.05 -4.97 -21.59
CA GLY D 97 19.26 -4.21 -21.85
C GLY D 97 19.95 -4.60 -23.15
N PHE D 98 19.64 -5.83 -23.59
CA PHE D 98 20.20 -6.44 -24.79
C PHE D 98 19.86 -5.74 -26.09
N ALA D 99 18.65 -5.23 -26.20
CA ALA D 99 18.24 -4.56 -27.44
C ALA D 99 18.93 -3.21 -27.67
N ASN D 100 19.83 -2.83 -26.77
CA ASN D 100 20.51 -1.55 -26.87
C ASN D 100 21.99 -1.60 -27.20
N LEU D 101 22.53 -2.78 -27.43
CA LEU D 101 23.94 -2.84 -27.74
C LEU D 101 24.01 -2.78 -29.24
N ASP D 102 25.20 -3.00 -29.77
CA ASP D 102 25.39 -3.01 -31.20
C ASP D 102 24.69 -4.20 -31.79
N LEU D 103 24.48 -4.14 -33.09
CA LEU D 103 23.85 -5.24 -33.77
C LEU D 103 25.03 -6.17 -33.96
N ASN D 104 26.22 -5.63 -33.67
CA ASN D 104 27.44 -6.41 -33.80
C ASN D 104 27.76 -7.05 -32.48
N ASP D 105 27.49 -6.32 -31.39
CA ASP D 105 27.76 -6.87 -30.08
C ASP D 105 26.72 -7.95 -29.82
N GLN D 106 25.51 -7.72 -30.30
CA GLN D 106 24.43 -8.69 -30.11
C GLN D 106 24.72 -10.02 -30.80
N VAL D 107 25.42 -9.97 -31.93
CA VAL D 107 25.78 -11.15 -32.70
C VAL D 107 26.99 -11.85 -32.12
N THR D 108 27.84 -11.08 -31.44
CA THR D 108 29.04 -11.65 -30.84
C THR D 108 28.60 -12.40 -29.60
N LEU D 109 27.79 -11.75 -28.78
CA LEU D 109 27.29 -12.34 -27.55
C LEU D 109 26.62 -13.67 -27.85
N LEU D 110 25.61 -13.64 -28.72
CA LEU D 110 24.90 -14.85 -29.07
C LEU D 110 25.74 -15.91 -29.78
N LYS D 111 26.71 -15.47 -30.56
CA LYS D 111 27.57 -16.38 -31.30
C LYS D 111 28.51 -17.20 -30.43
N TYR D 112 28.95 -16.64 -29.31
CA TYR D 112 29.87 -17.32 -28.42
C TYR D 112 29.24 -18.09 -27.28
N GLY D 113 28.07 -17.63 -26.84
CA GLY D 113 27.41 -18.31 -25.74
C GLY D 113 26.16 -19.09 -26.10
N VAL D 114 25.96 -19.34 -27.39
CA VAL D 114 24.78 -20.07 -27.77
C VAL D 114 24.88 -21.55 -27.38
N TYR D 115 26.08 -22.12 -27.46
CA TYR D 115 26.23 -23.51 -27.11
C TYR D 115 26.26 -23.64 -25.61
N GLU D 116 26.80 -22.63 -24.95
CA GLU D 116 26.88 -22.64 -23.51
C GLU D 116 25.49 -22.54 -22.92
N ALA D 117 24.55 -22.05 -23.72
CA ALA D 117 23.19 -21.92 -23.25
C ALA D 117 22.48 -23.21 -23.58
N ILE D 118 22.72 -23.73 -24.78
CA ILE D 118 22.08 -24.95 -25.23
C ILE D 118 22.37 -26.18 -24.37
N PHE D 119 23.62 -26.34 -23.92
CA PHE D 119 23.93 -27.49 -23.11
C PHE D 119 23.45 -27.31 -21.70
N ALA D 120 23.45 -26.08 -21.19
CA ALA D 120 22.98 -25.87 -19.84
C ALA D 120 21.51 -26.31 -19.79
N MET D 121 20.71 -25.72 -20.66
CA MET D 121 19.30 -26.04 -20.73
C MET D 121 19.06 -27.48 -21.14
N LEU D 122 19.95 -28.01 -21.96
CA LEU D 122 19.82 -29.38 -22.41
C LEU D 122 19.69 -30.38 -21.25
N SER D 123 20.23 -30.03 -20.10
CA SER D 123 20.17 -30.93 -18.94
C SER D 123 18.74 -31.17 -18.51
N SER D 124 17.87 -30.20 -18.83
CA SER D 124 16.46 -30.24 -18.45
C SER D 124 15.58 -31.28 -19.15
N VAL D 125 15.95 -31.68 -20.36
CA VAL D 125 15.19 -32.68 -21.08
C VAL D 125 15.87 -34.04 -20.94
N MET D 126 16.76 -34.15 -19.94
CA MET D 126 17.51 -35.38 -19.70
C MET D 126 17.34 -36.01 -18.31
N ASN D 127 17.59 -37.31 -18.27
CA ASN D 127 17.56 -38.08 -17.03
C ASN D 127 18.56 -39.19 -17.28
N LYS D 128 18.94 -39.88 -16.19
CA LYS D 128 19.92 -40.94 -16.26
C LYS D 128 19.84 -41.86 -17.47
N ASP D 129 18.64 -42.12 -17.98
CA ASP D 129 18.46 -43.04 -19.09
C ASP D 129 18.32 -42.52 -20.51
N GLY D 130 18.14 -41.21 -20.66
CA GLY D 130 18.00 -40.68 -22.01
C GLY D 130 17.63 -39.23 -21.94
N MET D 131 17.19 -38.70 -23.08
CA MET D 131 16.80 -37.29 -23.20
C MET D 131 15.65 -37.24 -24.19
N LEU D 132 14.80 -36.24 -24.07
CA LEU D 132 13.67 -36.08 -24.99
C LEU D 132 14.10 -35.44 -26.30
N VAL D 133 13.34 -35.73 -27.35
CA VAL D 133 13.63 -35.15 -28.65
C VAL D 133 12.33 -34.59 -29.26
N ALA D 134 12.44 -34.09 -30.48
CA ALA D 134 11.30 -33.53 -31.19
C ALA D 134 10.17 -32.98 -30.32
N TYR D 135 10.46 -31.91 -29.57
CA TYR D 135 9.43 -31.27 -28.76
C TYR D 135 8.78 -32.11 -27.66
N GLY D 136 9.55 -32.99 -27.03
CA GLY D 136 8.98 -33.79 -25.96
C GLY D 136 8.17 -34.98 -26.42
N ASN D 137 8.19 -35.20 -27.74
CA ASN D 137 7.45 -36.30 -28.33
C ASN D 137 8.25 -37.59 -28.38
N GLY D 138 9.55 -37.47 -28.60
CA GLY D 138 10.37 -38.67 -28.67
C GLY D 138 11.26 -38.88 -27.47
N PHE D 139 12.09 -39.91 -27.55
CA PHE D 139 12.98 -40.19 -26.45
C PHE D 139 14.06 -41.14 -26.91
N ILE D 140 15.23 -40.58 -27.19
CA ILE D 140 16.36 -41.38 -27.63
C ILE D 140 17.08 -41.79 -26.34
N THR D 141 17.32 -43.09 -26.21
CA THR D 141 17.94 -43.66 -25.03
C THR D 141 19.45 -43.51 -24.95
N ARG D 142 19.91 -43.11 -23.78
CA ARG D 142 21.33 -42.93 -23.54
C ARG D 142 22.19 -44.07 -24.05
N GLU D 143 21.71 -45.29 -23.81
CA GLU D 143 22.45 -46.49 -24.21
C GLU D 143 22.55 -46.73 -25.69
N PHE D 144 21.54 -46.28 -26.45
CA PHE D 144 21.57 -46.46 -27.90
C PHE D 144 22.56 -45.49 -28.52
N LEU D 145 22.69 -44.33 -27.91
CA LEU D 145 23.60 -43.34 -28.45
C LEU D 145 25.04 -43.80 -28.47
N LYS D 146 25.52 -44.30 -27.33
CA LYS D 146 26.91 -44.75 -27.23
C LYS D 146 27.26 -46.01 -28.01
N SER D 147 26.24 -46.68 -28.55
CA SER D 147 26.50 -47.87 -29.34
C SER D 147 27.04 -47.58 -30.74
N LEU D 148 27.02 -46.32 -31.18
CA LEU D 148 27.48 -46.00 -32.53
C LEU D 148 29.01 -45.94 -32.65
N ARG D 149 29.44 -46.43 -33.80
CA ARG D 149 30.82 -46.64 -34.14
C ARG D 149 31.76 -45.66 -33.78
N LYS D 150 31.60 -44.43 -34.16
CA LYS D 150 32.64 -43.61 -33.73
C LYS D 150 32.88 -42.67 -34.84
N PRO D 151 33.26 -41.48 -34.44
CA PRO D 151 33.41 -41.20 -33.01
C PRO D 151 32.25 -41.01 -32.05
N PHE D 152 31.03 -41.04 -32.57
CA PHE D 152 29.81 -40.77 -31.83
C PHE D 152 29.57 -41.05 -30.38
N CYS D 153 29.52 -42.33 -30.01
CA CYS D 153 29.28 -42.72 -28.63
C CYS D 153 29.81 -41.71 -27.63
N ASP D 154 30.81 -40.96 -28.07
CA ASP D 154 31.47 -39.98 -27.26
C ASP D 154 30.92 -38.55 -27.38
N ILE D 155 30.14 -38.30 -28.41
CA ILE D 155 29.56 -36.98 -28.60
C ILE D 155 28.55 -36.64 -27.51
N MET D 156 27.55 -37.50 -27.33
CA MET D 156 26.50 -37.26 -26.34
C MET D 156 26.82 -37.57 -24.87
N GLU D 157 27.51 -38.68 -24.63
CA GLU D 157 27.86 -39.08 -23.28
C GLU D 157 28.40 -37.93 -22.43
N PRO D 158 29.22 -37.05 -23.02
CA PRO D 158 29.81 -35.91 -22.32
C PRO D 158 28.76 -35.04 -21.66
N LYS D 159 27.64 -34.85 -22.35
CA LYS D 159 26.55 -34.04 -21.83
C LYS D 159 25.75 -34.74 -20.76
N PHE D 160 25.46 -36.02 -20.96
CA PHE D 160 24.69 -36.74 -19.95
C PHE D 160 25.45 -36.66 -18.64
N ASP D 161 26.77 -36.69 -18.71
CA ASP D 161 27.61 -36.61 -17.52
C ASP D 161 27.43 -35.27 -16.79
N PHE D 162 27.43 -34.19 -17.57
CA PHE D 162 27.28 -32.85 -17.02
C PHE D 162 25.89 -32.69 -16.46
N ALA D 163 24.92 -33.23 -17.19
CA ALA D 163 23.53 -33.15 -16.81
C ALA D 163 23.25 -33.70 -15.42
N MET D 164 23.54 -34.97 -15.21
CA MET D 164 23.28 -35.59 -13.92
C MET D 164 23.86 -34.87 -12.71
N LYS D 165 24.98 -34.19 -12.93
CA LYS D 165 25.59 -33.45 -11.83
C LYS D 165 24.91 -32.08 -11.74
N PHE D 166 24.48 -31.55 -12.88
CA PHE D 166 23.83 -30.24 -12.91
C PHE D 166 22.46 -30.31 -12.24
N ASN D 167 21.70 -31.36 -12.57
CA ASN D 167 20.34 -31.58 -12.06
C ASN D 167 20.29 -31.84 -10.58
N ALA D 168 21.42 -32.29 -10.03
CA ALA D 168 21.50 -32.59 -8.61
C ALA D 168 21.44 -31.29 -7.81
N LEU D 169 21.62 -30.17 -8.51
CA LEU D 169 21.58 -28.85 -7.89
C LEU D 169 20.11 -28.48 -7.76
N GLU D 170 19.26 -29.23 -8.48
CA GLU D 170 17.81 -29.05 -8.49
C GLU D 170 17.34 -27.62 -8.77
N LEU D 171 17.75 -27.08 -9.92
CA LEU D 171 17.35 -25.72 -10.28
C LEU D 171 15.98 -25.79 -10.93
N ASP D 172 15.16 -24.78 -10.69
CA ASP D 172 13.85 -24.74 -11.31
C ASP D 172 13.99 -23.82 -12.49
N ASP D 173 12.94 -23.67 -13.28
CA ASP D 173 13.02 -22.82 -14.46
C ASP D 173 13.26 -21.34 -14.20
N SER D 174 13.15 -20.88 -12.96
CA SER D 174 13.38 -19.46 -12.73
C SER D 174 14.83 -19.21 -12.40
N ASP D 175 15.56 -20.27 -12.07
CA ASP D 175 16.97 -20.11 -11.77
C ASP D 175 17.66 -20.25 -13.12
N ILE D 176 17.19 -21.21 -13.89
CA ILE D 176 17.75 -21.50 -15.20
C ILE D 176 17.65 -20.34 -16.15
N SER D 177 16.65 -19.48 -16.00
CA SER D 177 16.49 -18.35 -16.91
C SER D 177 17.45 -17.20 -16.62
N LEU D 178 17.82 -17.00 -15.36
CA LEU D 178 18.75 -15.94 -15.01
C LEU D 178 20.17 -16.46 -15.25
N PHE D 179 20.31 -17.79 -15.29
CA PHE D 179 21.59 -18.43 -15.52
C PHE D 179 21.92 -18.32 -16.99
N VAL D 180 21.02 -18.80 -17.83
CA VAL D 180 21.17 -18.76 -19.29
C VAL D 180 21.34 -17.33 -19.78
N ALA D 181 20.89 -16.36 -19.00
CA ALA D 181 21.00 -14.97 -19.38
C ALA D 181 22.38 -14.46 -19.00
N ALA D 182 22.75 -14.66 -17.75
CA ALA D 182 24.05 -14.23 -17.24
C ALA D 182 25.18 -14.82 -18.08
N ILE D 183 24.90 -15.92 -18.79
CA ILE D 183 25.94 -16.53 -19.61
C ILE D 183 25.92 -16.02 -21.05
N ILE D 184 24.87 -15.32 -21.43
CA ILE D 184 24.85 -14.75 -22.77
C ILE D 184 25.47 -13.36 -22.65
N CYS D 185 24.88 -12.54 -21.78
CA CYS D 185 25.35 -11.19 -21.52
C CYS D 185 26.68 -11.27 -20.81
N CYS D 186 27.60 -12.07 -21.34
CA CYS D 186 28.91 -12.24 -20.74
C CYS D 186 29.88 -11.25 -21.38
N GLY D 187 30.33 -10.28 -20.59
CA GLY D 187 31.24 -9.26 -21.10
C GLY D 187 32.73 -9.52 -21.32
N ASP D 188 33.08 -10.67 -21.88
CA ASP D 188 34.49 -10.99 -22.15
C ASP D 188 34.61 -11.90 -23.37
N ARG D 189 33.68 -11.72 -24.31
CA ARG D 189 33.69 -12.50 -25.54
C ARG D 189 34.53 -11.71 -26.52
N PRO D 190 35.34 -12.41 -27.33
CA PRO D 190 36.20 -11.78 -28.32
C PRO D 190 35.54 -10.85 -29.34
N GLY D 191 36.03 -9.62 -29.41
CA GLY D 191 35.49 -8.68 -30.38
C GLY D 191 34.31 -7.83 -29.96
N LEU D 192 34.23 -7.51 -28.69
CA LEU D 192 33.14 -6.68 -28.22
C LEU D 192 33.57 -5.21 -28.31
N LEU D 193 32.67 -4.33 -28.73
CA LEU D 193 33.03 -2.91 -28.80
C LEU D 193 32.65 -2.29 -27.46
N ASN D 194 31.41 -2.53 -27.05
CA ASN D 194 30.89 -2.01 -25.79
C ASN D 194 31.02 -2.98 -24.60
N VAL D 195 32.21 -3.52 -24.40
CA VAL D 195 32.47 -4.46 -23.32
C VAL D 195 32.36 -3.80 -21.94
N GLY D 196 31.53 -2.77 -21.82
CA GLY D 196 31.39 -2.09 -20.56
C GLY D 196 29.95 -2.05 -20.08
N HIS D 197 29.02 -2.10 -21.03
CA HIS D 197 27.60 -2.12 -20.69
C HIS D 197 27.41 -3.50 -20.24
N ILE D 198 27.81 -4.37 -21.14
CA ILE D 198 27.72 -5.79 -20.98
C ILE D 198 28.25 -6.18 -19.63
N GLU D 199 29.45 -5.74 -19.29
CA GLU D 199 29.93 -6.12 -17.98
C GLU D 199 28.91 -5.65 -16.94
N LYS D 200 28.65 -4.36 -16.88
CA LYS D 200 27.68 -3.83 -15.92
C LYS D 200 26.26 -4.40 -16.08
N MET D 201 25.95 -4.94 -17.25
CA MET D 201 24.63 -5.51 -17.51
C MET D 201 24.57 -6.83 -16.77
N GLN D 202 25.64 -7.59 -16.93
CA GLN D 202 25.78 -8.88 -16.32
C GLN D 202 25.88 -8.72 -14.82
N GLU D 203 26.67 -7.76 -14.35
CA GLU D 203 26.80 -7.60 -12.92
C GLU D 203 25.41 -7.32 -12.35
N GLY D 204 24.50 -6.96 -13.22
CA GLY D 204 23.13 -6.70 -12.80
C GLY D 204 22.38 -8.01 -12.75
N ILE D 205 22.52 -8.83 -13.79
CA ILE D 205 21.85 -10.12 -13.86
C ILE D 205 22.43 -11.05 -12.81
N VAL D 206 23.76 -11.11 -12.71
CA VAL D 206 24.39 -11.98 -11.73
C VAL D 206 24.04 -11.57 -10.31
N HIS D 207 23.84 -10.28 -10.09
CA HIS D 207 23.48 -9.78 -8.76
C HIS D 207 22.10 -10.27 -8.35
N VAL D 208 21.17 -10.14 -9.27
CA VAL D 208 19.81 -10.55 -9.02
C VAL D 208 19.70 -12.07 -8.97
N LEU D 209 20.68 -12.77 -9.56
CA LEU D 209 20.68 -14.23 -9.57
C LEU D 209 20.97 -14.77 -8.20
N ARG D 210 21.94 -14.16 -7.51
CA ARG D 210 22.33 -14.61 -6.18
C ARG D 210 21.15 -14.50 -5.20
N LEU D 211 20.54 -13.32 -5.14
CA LEU D 211 19.44 -13.09 -4.22
C LEU D 211 18.31 -14.08 -4.44
N HIS D 212 18.08 -14.43 -5.70
CA HIS D 212 17.04 -15.36 -6.03
C HIS D 212 17.48 -16.80 -5.82
N LEU D 213 18.78 -16.99 -5.60
CA LEU D 213 19.28 -18.33 -5.35
C LEU D 213 19.42 -18.54 -3.86
N GLN D 214 19.46 -17.44 -3.12
CA GLN D 214 19.62 -17.52 -1.67
C GLN D 214 18.31 -17.48 -0.92
N SER D 215 17.21 -17.27 -1.62
CA SER D 215 15.93 -17.22 -0.93
C SER D 215 15.03 -18.30 -1.49
N ASN D 216 15.53 -19.05 -2.46
CA ASN D 216 14.73 -20.12 -3.03
C ASN D 216 15.41 -21.45 -2.81
N HIS D 217 16.67 -21.39 -2.41
CA HIS D 217 17.43 -22.59 -2.10
C HIS D 217 18.29 -22.23 -0.90
N PRO D 218 17.68 -22.00 0.28
CA PRO D 218 18.48 -21.64 1.45
C PRO D 218 19.16 -22.83 2.09
N ASP D 219 18.70 -24.04 1.74
CA ASP D 219 19.27 -25.24 2.33
C ASP D 219 20.45 -25.76 1.49
N ASP D 220 21.04 -24.83 0.76
CA ASP D 220 22.20 -25.05 -0.10
C ASP D 220 22.67 -23.62 -0.19
N ILE D 221 23.49 -23.18 0.78
CA ILE D 221 23.91 -21.78 0.76
C ILE D 221 25.03 -21.44 -0.20
N PHE D 222 25.88 -22.39 -0.53
CA PHE D 222 26.97 -22.13 -1.46
C PHE D 222 26.56 -22.60 -2.84
N LEU D 223 25.31 -22.32 -3.20
CA LEU D 223 24.80 -22.72 -4.51
C LEU D 223 25.31 -21.77 -5.58
N PHE D 224 25.20 -20.47 -5.30
CA PHE D 224 25.67 -19.49 -6.28
C PHE D 224 27.12 -19.77 -6.70
N PRO D 225 28.03 -20.00 -5.74
CA PRO D 225 29.40 -20.27 -6.14
C PRO D 225 29.51 -21.59 -6.86
N LYS D 226 28.53 -22.46 -6.67
CA LYS D 226 28.55 -23.75 -7.33
C LYS D 226 28.18 -23.60 -8.79
N LEU D 227 27.31 -22.64 -9.07
CA LEU D 227 26.88 -22.38 -10.45
C LEU D 227 27.99 -21.71 -11.25
N LEU D 228 28.67 -20.74 -10.65
CA LEU D 228 29.75 -20.07 -11.35
C LEU D 228 30.70 -21.18 -11.79
N GLN D 229 30.91 -22.15 -10.92
CA GLN D 229 31.80 -23.24 -11.25
C GLN D 229 31.26 -24.00 -12.43
N LYS D 230 29.96 -23.90 -12.66
CA LYS D 230 29.31 -24.60 -13.75
C LYS D 230 29.46 -23.88 -15.08
N MET D 231 29.36 -22.55 -15.05
CA MET D 231 29.52 -21.74 -16.26
C MET D 231 30.88 -22.07 -16.84
N ALA D 232 31.85 -22.32 -15.94
CA ALA D 232 33.21 -22.64 -16.32
C ALA D 232 33.33 -23.99 -16.97
N ASP D 233 32.63 -24.97 -16.42
CA ASP D 233 32.64 -26.33 -16.95
C ASP D 233 31.90 -26.38 -18.28
N LEU D 234 30.83 -25.61 -18.36
CA LEU D 234 30.04 -25.54 -19.57
C LEU D 234 30.97 -25.07 -20.66
N ARG D 235 31.64 -23.96 -20.39
CA ARG D 235 32.58 -23.38 -21.31
C ARG D 235 33.56 -24.45 -21.78
N GLN D 236 33.91 -25.37 -20.87
CA GLN D 236 34.83 -26.47 -21.15
C GLN D 236 34.16 -27.48 -22.07
N LEU D 237 32.96 -27.90 -21.70
CA LEU D 237 32.20 -28.86 -22.46
C LEU D 237 32.07 -28.48 -23.94
N VAL D 238 31.90 -27.19 -24.20
CA VAL D 238 31.77 -26.71 -25.58
C VAL D 238 33.11 -26.78 -26.30
N THR D 239 34.17 -26.46 -25.56
CA THR D 239 35.50 -26.52 -26.11
C THR D 239 35.71 -27.94 -26.63
N GLU D 240 35.57 -28.92 -25.75
CA GLU D 240 35.75 -30.30 -26.14
C GLU D 240 34.71 -30.74 -27.17
N HIS D 241 33.58 -30.03 -27.23
CA HIS D 241 32.55 -30.42 -28.18
C HIS D 241 33.02 -30.15 -29.60
N ALA D 242 33.42 -28.92 -29.87
CA ALA D 242 33.89 -28.56 -31.21
C ALA D 242 35.04 -29.49 -31.63
N GLN D 243 35.88 -29.82 -30.66
CA GLN D 243 37.01 -30.70 -30.87
C GLN D 243 36.53 -32.06 -31.39
N LEU D 244 35.41 -32.52 -30.87
CA LEU D 244 34.85 -33.81 -31.26
C LEU D 244 34.21 -33.70 -32.64
N VAL D 245 33.67 -32.54 -32.97
CA VAL D 245 33.02 -32.33 -34.26
C VAL D 245 34.03 -32.33 -35.41
N GLN D 246 35.17 -31.67 -35.22
CA GLN D 246 36.23 -31.59 -36.23
C GLN D 246 36.78 -33.00 -36.46
N ILE D 247 35.88 -33.93 -36.72
CA ILE D 247 36.18 -35.34 -36.94
C ILE D 247 35.01 -35.94 -37.72
N ILE D 248 33.99 -35.13 -37.98
CA ILE D 248 32.80 -35.59 -38.70
C ILE D 248 32.47 -34.69 -39.90
N LYS D 249 33.24 -33.62 -40.10
CA LYS D 249 33.00 -32.70 -41.21
C LYS D 249 33.82 -33.05 -42.46
N LYS D 250 35.15 -33.10 -42.31
CA LYS D 250 36.05 -33.43 -43.42
C LYS D 250 36.41 -34.91 -43.43
N THR D 251 36.69 -35.48 -42.25
CA THR D 251 37.00 -36.90 -42.18
C THR D 251 35.76 -37.54 -42.77
N GLU D 252 34.63 -37.25 -42.13
CA GLU D 252 33.33 -37.73 -42.59
C GLU D 252 32.73 -36.57 -43.37
N SER D 253 33.30 -36.29 -44.54
CA SER D 253 32.79 -35.22 -45.39
C SER D 253 31.55 -35.72 -46.10
N ASP D 254 30.40 -35.24 -45.66
CA ASP D 254 29.14 -35.64 -46.25
C ASP D 254 28.12 -34.56 -45.91
N ALA D 255 27.60 -34.65 -44.69
CA ALA D 255 26.59 -33.71 -44.21
C ALA D 255 27.17 -32.66 -43.28
N ALA D 256 26.69 -31.41 -43.41
CA ALA D 256 27.18 -30.34 -42.55
C ALA D 256 26.53 -28.99 -42.84
N LEU D 257 27.25 -28.22 -43.64
CA LEU D 257 26.86 -26.90 -44.14
C LEU D 257 27.31 -27.07 -45.58
N HIS D 258 26.43 -27.68 -46.36
CA HIS D 258 26.65 -27.98 -47.77
C HIS D 258 26.06 -26.81 -48.57
N PRO D 259 26.23 -26.80 -49.89
CA PRO D 259 25.63 -25.69 -50.64
C PRO D 259 24.12 -26.00 -50.71
N LEU D 260 23.61 -26.58 -49.62
CA LEU D 260 22.21 -27.00 -49.50
C LEU D 260 21.40 -25.96 -48.80
N LEU D 261 22.07 -25.23 -47.94
CA LEU D 261 21.43 -24.22 -47.17
C LEU D 261 21.32 -23.00 -48.09
N GLN D 262 21.11 -23.28 -49.37
CA GLN D 262 20.94 -22.27 -50.41
C GLN D 262 19.49 -22.35 -50.89
N GLU D 263 19.25 -23.30 -51.79
CA GLU D 263 17.98 -23.57 -52.48
C GLU D 263 16.63 -23.97 -51.88
N ILE D 264 16.22 -23.30 -50.80
CA ILE D 264 14.99 -23.60 -50.10
C ILE D 264 14.78 -22.29 -49.33
N TYR D 265 15.83 -21.91 -48.62
CA TYR D 265 15.89 -20.68 -47.83
C TYR D 265 15.45 -19.48 -48.67
N ARG D 266 16.07 -19.33 -49.84
CA ARG D 266 15.76 -18.23 -50.75
C ARG D 266 14.30 -18.39 -51.18
N ASP D 267 13.59 -17.28 -51.27
CA ASP D 267 12.18 -17.32 -51.65
C ASP D 267 11.36 -18.14 -50.66
N MET D 268 11.72 -18.05 -49.37
CA MET D 268 11.02 -18.78 -48.32
C MET D 268 10.15 -17.85 -47.47
N TYR D 269 10.75 -16.77 -46.96
CA TYR D 269 10.01 -15.81 -46.14
C TYR D 269 9.62 -14.55 -46.91
N ASN E 1 -13.83 18.82 21.16
CA ASN E 1 -15.02 18.43 20.40
C ASN E 1 -15.20 16.94 20.38
N MET E 2 -15.70 16.53 19.24
CA MET E 2 -16.10 15.19 19.09
C MET E 2 -17.09 15.33 17.95
N GLY E 3 -17.80 14.26 17.65
CA GLY E 3 -18.62 14.22 16.46
C GLY E 3 -20.09 14.18 16.59
N LEU E 4 -20.61 15.33 16.30
CA LEU E 4 -21.99 15.57 16.46
C LEU E 4 -22.42 16.14 15.16
N GLU E 5 -21.55 16.01 14.19
CA GLU E 5 -21.83 16.48 12.85
C GLU E 5 -23.21 15.98 12.41
N ALA E 6 -23.75 15.01 13.12
CA ALA E 6 -25.06 14.48 12.80
C ALA E 6 -26.04 15.63 12.77
N ILE E 7 -26.26 16.20 13.95
CA ILE E 7 -27.16 17.32 14.17
C ILE E 7 -26.82 18.57 13.37
N ILE E 8 -25.53 18.83 13.20
CA ILE E 8 -25.06 20.01 12.47
C ILE E 8 -25.24 19.89 10.95
N ARG E 9 -25.18 18.68 10.43
CA ARG E 9 -25.31 18.46 8.99
C ARG E 9 -26.77 18.50 8.54
N LYS E 10 -27.69 18.39 9.50
CA LYS E 10 -29.11 18.43 9.22
C LYS E 10 -29.67 19.85 9.31
N ALA E 11 -28.97 20.72 10.04
CA ALA E 11 -29.40 22.11 10.17
C ALA E 11 -28.82 22.82 8.97
N LEU E 12 -28.00 22.08 8.23
CA LEU E 12 -27.32 22.57 7.05
C LEU E 12 -28.27 22.58 5.87
N MET E 13 -29.26 21.69 5.93
CA MET E 13 -30.23 21.56 4.87
C MET E 13 -31.59 21.43 5.50
N GLY E 14 -32.44 22.42 5.28
CA GLY E 14 -33.76 22.35 5.86
C GLY E 14 -34.29 23.70 6.26
N LYS E 15 -33.64 24.76 5.80
CA LYS E 15 -34.11 26.09 6.10
C LYS E 15 -34.47 26.78 4.80
N TYR E 16 -34.94 28.00 4.95
CA TYR E 16 -35.29 28.87 3.84
C TYR E 16 -35.61 30.20 4.51
N ASP E 17 -34.93 31.24 4.07
CA ASP E 17 -35.09 32.60 4.59
C ASP E 17 -33.74 33.29 4.47
N GLN E 18 -33.76 34.55 4.07
CA GLN E 18 -32.53 35.31 3.92
C GLN E 18 -32.80 36.74 3.50
N TRP E 19 -32.12 37.68 4.13
CA TRP E 19 -32.26 39.07 3.77
C TRP E 19 -31.21 39.27 2.67
N ASN F 1 -8.68 -20.64 -9.71
CA ASN F 1 -9.41 -21.43 -10.74
C ASN F 1 -9.94 -20.54 -11.87
N MET F 2 -9.95 -19.22 -11.65
CA MET F 2 -10.42 -18.28 -12.66
C MET F 2 -9.95 -16.85 -12.36
N GLY F 3 -10.35 -15.90 -13.20
CA GLY F 3 -9.94 -14.51 -13.03
C GLY F 3 -10.79 -13.59 -12.18
N LEU F 4 -10.17 -13.07 -11.11
CA LEU F 4 -10.80 -12.16 -10.16
C LEU F 4 -9.69 -11.33 -9.55
N GLU F 5 -8.50 -11.48 -10.15
CA GLU F 5 -7.31 -10.81 -9.66
C GLU F 5 -7.37 -9.30 -9.61
N ALA F 6 -8.51 -8.74 -9.97
CA ALA F 6 -8.67 -7.30 -9.93
C ALA F 6 -9.19 -6.89 -8.57
N ILE F 7 -9.95 -7.77 -7.93
CA ILE F 7 -10.51 -7.50 -6.63
C ILE F 7 -9.48 -7.70 -5.51
N ILE F 8 -8.70 -8.77 -5.64
CA ILE F 8 -7.68 -9.07 -4.64
C ILE F 8 -6.58 -8.03 -4.74
N ARG F 9 -6.26 -7.64 -5.96
CA ARG F 9 -5.22 -6.67 -6.22
C ARG F 9 -5.47 -5.33 -5.56
N LYS F 10 -6.70 -5.06 -5.16
CA LYS F 10 -7.00 -3.79 -4.51
C LYS F 10 -7.09 -4.03 -3.01
N ALA F 11 -7.31 -5.28 -2.64
CA ALA F 11 -7.37 -5.65 -1.24
C ALA F 11 -5.92 -5.67 -0.77
N LEU F 12 -5.03 -5.91 -1.74
CA LEU F 12 -3.58 -5.96 -1.49
C LEU F 12 -3.01 -4.55 -1.22
N MET F 13 -3.74 -3.53 -1.66
CA MET F 13 -3.33 -2.15 -1.48
C MET F 13 -4.21 -1.55 -0.37
N GLY F 14 -4.15 -0.24 -0.27
CA GLY F 14 -4.94 0.56 0.67
C GLY F 14 -5.14 0.46 2.18
N LYS F 15 -5.11 -0.76 2.71
CA LYS F 15 -5.42 -1.14 4.10
C LYS F 15 -4.55 -0.65 5.26
N TYR F 16 -5.13 -0.64 6.47
CA TYR F 16 -4.40 -0.11 7.62
C TYR F 16 -4.78 -0.73 8.98
N ASP F 17 -4.07 -1.77 9.38
CA ASP F 17 -4.32 -2.37 10.69
C ASP F 17 -3.27 -3.42 11.14
N GLN F 18 -3.03 -3.59 12.44
CA GLN F 18 -2.07 -4.64 12.84
C GLN F 18 -1.94 -4.85 14.34
N TRP F 19 -2.31 -6.05 14.83
CA TRP F 19 -2.12 -6.33 16.25
C TRP F 19 -0.60 -6.40 16.38
N ASN G 1 6.47 23.35 4.37
CA ASN G 1 6.43 24.85 4.28
C ASN G 1 5.93 25.32 2.91
N MET G 2 5.41 24.38 2.11
CA MET G 2 4.88 24.67 0.78
C MET G 2 4.07 23.48 0.25
N GLY G 3 3.25 23.73 -0.76
CA GLY G 3 2.38 22.70 -1.33
C GLY G 3 2.88 21.79 -2.42
N LEU G 4 3.56 20.72 -2.00
CA LEU G 4 4.05 19.74 -2.95
C LEU G 4 3.35 18.43 -2.67
N GLU G 5 2.25 18.36 -1.95
CA GLU G 5 1.65 17.05 -1.69
C GLU G 5 1.32 16.22 -2.95
N ALA G 6 1.17 16.89 -4.09
CA ALA G 6 0.81 16.23 -5.36
C ALA G 6 1.83 15.19 -5.81
N ILE G 7 3.09 15.49 -5.56
CA ILE G 7 4.24 14.65 -5.90
C ILE G 7 4.42 13.43 -4.97
N ILE G 8 4.16 13.62 -3.68
CA ILE G 8 4.32 12.57 -2.66
C ILE G 8 3.06 11.74 -2.59
N ARG G 9 1.94 12.38 -2.90
CA ARG G 9 0.67 11.69 -2.85
C ARG G 9 0.73 10.48 -3.80
N LYS G 10 1.45 10.68 -4.89
CA LYS G 10 1.62 9.65 -5.91
C LYS G 10 2.67 8.62 -5.56
N ALA G 11 3.53 8.91 -4.59
CA ALA G 11 4.56 7.95 -4.22
C ALA G 11 3.99 6.96 -3.24
N LEU G 12 2.94 7.38 -2.54
CA LEU G 12 2.25 6.53 -1.59
C LEU G 12 1.58 5.39 -2.33
N MET G 13 1.24 5.67 -3.59
CA MET G 13 0.51 4.75 -4.45
C MET G 13 1.25 3.78 -5.36
N GLY G 14 2.57 3.70 -5.34
CA GLY G 14 3.16 2.81 -6.31
C GLY G 14 3.99 1.55 -6.13
N LYS G 15 4.45 1.22 -4.92
CA LYS G 15 5.35 0.08 -4.82
C LYS G 15 5.00 -1.35 -4.46
N TYR G 16 5.97 -2.20 -4.81
CA TYR G 16 6.02 -3.64 -4.57
C TYR G 16 7.36 -3.88 -3.88
N ASP G 17 7.33 -4.07 -2.56
CA ASP G 17 8.54 -4.32 -1.78
C ASP G 17 8.35 -4.27 -0.26
N GLN G 18 9.04 -5.16 0.43
CA GLN G 18 8.98 -5.25 1.88
C GLN G 18 9.79 -6.46 2.34
N TRP G 19 10.46 -6.32 3.48
CA TRP G 19 11.22 -7.42 4.06
C TRP G 19 10.65 -7.67 5.45
N ASN H 1 31.15 -21.71 -30.25
CA ASN H 1 32.27 -22.61 -30.63
C ASN H 1 32.58 -22.59 -32.13
N MET H 2 31.60 -22.21 -32.96
CA MET H 2 31.81 -22.16 -34.41
C MET H 2 30.99 -21.06 -35.11
N GLY H 3 31.11 -21.00 -36.45
CA GLY H 3 30.41 -20.00 -37.25
C GLY H 3 28.99 -20.38 -37.65
N LEU H 4 28.03 -19.55 -37.26
CA LEU H 4 26.62 -19.79 -37.53
C LEU H 4 25.84 -18.50 -37.33
N GLU H 5 26.54 -17.39 -37.40
CA GLU H 5 25.96 -16.07 -37.22
C GLU H 5 24.94 -15.84 -38.29
N ALA H 6 25.22 -16.40 -39.45
CA ALA H 6 24.36 -16.28 -40.61
C ALA H 6 22.91 -16.55 -40.22
N ILE H 7 22.75 -17.41 -39.22
CA ILE H 7 21.44 -17.83 -38.73
C ILE H 7 20.87 -16.87 -37.74
N ILE H 8 21.70 -16.62 -36.74
CA ILE H 8 21.37 -15.77 -35.62
C ILE H 8 21.29 -14.33 -36.05
N ARG H 9 21.90 -14.03 -37.18
CA ARG H 9 21.94 -12.67 -37.70
C ARG H 9 20.58 -12.17 -38.13
N LYS H 10 19.85 -13.05 -38.80
CA LYS H 10 18.53 -12.75 -39.32
C LYS H 10 17.40 -13.05 -38.35
N ALA H 11 17.74 -13.55 -37.16
CA ALA H 11 16.73 -13.84 -36.17
C ALA H 11 16.61 -12.53 -35.41
N LEU H 12 17.69 -11.77 -35.51
CA LEU H 12 17.78 -10.46 -34.88
C LEU H 12 16.91 -9.44 -35.56
N MET H 13 16.56 -9.71 -36.81
CA MET H 13 15.78 -8.76 -37.58
C MET H 13 14.26 -8.88 -37.57
N GLY H 14 13.69 -9.80 -38.34
CA GLY H 14 12.24 -9.91 -38.41
C GLY H 14 11.45 -10.66 -37.35
N LYS H 15 10.74 -9.94 -36.49
CA LYS H 15 9.94 -10.60 -35.46
C LYS H 15 9.00 -9.65 -34.74
N TYR H 16 8.14 -10.20 -33.89
CA TYR H 16 7.17 -9.34 -33.23
C TYR H 16 6.53 -9.75 -31.91
N ASP H 17 6.70 -8.87 -30.91
CA ASP H 17 6.12 -9.00 -29.58
C ASP H 17 6.93 -8.39 -28.46
N GLN H 18 6.20 -7.80 -27.52
CA GLN H 18 6.79 -7.16 -26.36
C GLN H 18 5.78 -7.20 -25.22
N TRP H 19 5.99 -8.10 -24.26
CA TRP H 19 5.09 -8.17 -23.11
C TRP H 19 5.67 -7.18 -22.11
#